data_2GAJ
#
_entry.id   2GAJ
#
_cell.length_a   45.049
_cell.length_b   142.714
_cell.length_c   127.638
_cell.angle_alpha   90.00
_cell.angle_beta   90.84
_cell.angle_gamma   90.00
#
_symmetry.space_group_name_H-M   'P 1 21 1'
#
loop_
_entity.id
_entity.type
_entity.pdbx_description
1 polymer 'DNA topoisomerase I'
2 water water
#
_entity_poly.entity_id   1
_entity_poly.type   'polypeptide(L)'
_entity_poly.pdbx_seq_one_letter_code
;MAKKVKKYIVVESPAKAKTIKSILGNEYEVFASMGHIIDLPKSKFGVDLEKDFEPEFAVIKGKEKVVEKLKDLAKKGELL
IASDMDREGEAIAWHIARVTNTLGRKNRIVFSEITPRVIREAVKNPREIDMKKVRAQLARRILDRIVGYSLSPVLWRNFK
SNLSAGRVQSATLKLVCDREREILRFVPKKYHRITVNFDGLTAEIDVKEKKFFDAETLKEIQSIDELVVEEKKVSVKKFA
PPEPFKTSTLQQEAYSKLGFSVSKTMMIAQQLYEGVETKDGHIAFITYMRTDSTRVSDYAKEEARNLITEVFGEEYVGSK
RERRKSNAKIQDAHEAIRPTNVFMTPEEAGKYLNSDQKKLYELIWKRFLASQMKPSQYEETRFVLRTKDGKYRFKGTVLK
KIFDGYEKVWKTERNTGEFPFEEGESVKPVVVKIEEQETKPKPRYTEGSLVKEMERLGIGRPSTYASTIKLLLNRGYIKK
IRGYLYPTIVGSVVMDYLEKKYSDVVSVSFTAEMEKDLDEVEQGKKTDKIVLREFYESFSSVFDRNDRIVVDFPTNQKCS
CGKEMRLSFGKYGFYLKCECGKTRSVKNDEIAVIDDGKIFLGRKDSESGSPDGRSVEGKGNLSEKRRKGKKGS
;
_entity_poly.pdbx_strand_id   A,B
#
# COMPACT_ATOMS: atom_id res chain seq x y z
N LYS A 7 54.65 -20.04 28.30
CA LYS A 7 53.30 -19.51 27.87
C LYS A 7 52.31 -20.53 27.27
N TYR A 8 51.16 -20.72 27.89
CA TYR A 8 50.23 -21.78 27.53
C TYR A 8 48.90 -21.18 27.11
N ILE A 9 48.32 -21.68 26.04
CA ILE A 9 47.00 -21.25 25.65
C ILE A 9 46.07 -22.45 25.78
N VAL A 10 44.91 -22.21 26.39
CA VAL A 10 43.91 -23.26 26.62
C VAL A 10 42.67 -22.97 25.78
N VAL A 11 42.27 -23.95 24.97
CA VAL A 11 41.02 -23.94 24.23
C VAL A 11 40.21 -25.23 24.58
N GLU A 12 38.97 -25.24 24.11
CA GLU A 12 38.11 -26.39 24.28
C GLU A 12 38.31 -27.46 23.21
N SER A 13 38.51 -27.10 21.94
CA SER A 13 38.56 -28.10 20.88
C SER A 13 39.92 -28.32 20.24
N PRO A 14 40.18 -29.56 19.82
CA PRO A 14 41.37 -29.89 19.05
C PRO A 14 41.47 -29.10 17.76
N ALA A 15 40.36 -28.74 17.12
CA ALA A 15 40.41 -27.96 15.88
C ALA A 15 40.91 -26.54 16.14
N LYS A 16 40.39 -25.90 17.18
CA LYS A 16 40.87 -24.55 17.52
C LYS A 16 42.34 -24.54 17.90
N ALA A 17 42.79 -25.55 18.64
CA ALA A 17 44.20 -25.77 19.02
C ALA A 17 45.14 -25.82 17.82
N LYS A 18 44.75 -26.59 16.83
CA LYS A 18 45.50 -26.68 15.58
C LYS A 18 45.63 -25.34 14.87
N THR A 19 44.54 -24.61 14.72
CA THR A 19 44.53 -23.32 14.04
C THR A 19 45.45 -22.32 14.77
N ILE A 20 45.28 -22.21 16.08
CA ILE A 20 46.07 -21.29 16.90
C ILE A 20 47.56 -21.66 16.90
N LYS A 21 47.84 -22.94 17.04
CA LYS A 21 49.19 -23.46 16.89
C LYS A 21 49.77 -23.15 15.51
N SER A 22 49.00 -23.25 14.43
CA SER A 22 49.46 -22.83 13.10
C SER A 22 49.87 -21.36 13.07
N ILE A 23 49.12 -20.55 13.81
CA ILE A 23 49.38 -19.11 13.85
C ILE A 23 50.63 -18.76 14.66
N LEU A 24 50.70 -19.29 15.88
CA LEU A 24 51.68 -18.85 16.87
C LEU A 24 52.98 -19.68 16.85
N GLY A 25 52.94 -20.90 16.33
CA GLY A 25 54.09 -21.79 16.33
C GLY A 25 54.63 -22.08 17.72
N ASN A 26 55.96 -22.10 17.88
CA ASN A 26 56.62 -22.46 19.14
C ASN A 26 56.60 -21.39 20.23
N GLU A 27 56.13 -20.20 19.90
CA GLU A 27 56.01 -19.10 20.88
C GLU A 27 55.16 -19.53 22.10
N TYR A 28 54.09 -20.28 21.81
CA TYR A 28 53.13 -20.73 22.80
C TYR A 28 52.95 -22.24 22.70
N GLU A 29 52.62 -22.83 23.86
CA GLU A 29 52.14 -24.19 23.93
C GLU A 29 50.60 -24.09 23.93
N VAL A 30 49.93 -24.89 23.10
CA VAL A 30 48.47 -24.82 22.97
C VAL A 30 47.88 -26.15 23.43
N PHE A 31 46.91 -26.09 24.32
CA PHE A 31 46.33 -27.27 24.95
C PHE A 31 44.81 -27.24 24.76
N ALA A 32 44.21 -28.36 24.34
CA ALA A 32 42.76 -28.49 24.23
C ALA A 32 42.16 -29.29 25.39
N SER A 33 41.13 -28.75 26.05
CA SER A 33 40.51 -29.49 27.17
C SER A 33 39.64 -30.66 26.74
N MET A 34 39.28 -30.72 25.45
CA MET A 34 38.37 -31.72 24.91
C MET A 34 37.01 -31.50 25.56
N GLY A 35 36.53 -30.27 25.51
CA GLY A 35 35.23 -29.89 26.06
C GLY A 35 35.24 -29.39 27.50
N HIS A 36 34.05 -29.41 28.12
CA HIS A 36 33.86 -28.94 29.51
C HIS A 36 34.62 -29.76 30.55
N ILE A 37 35.11 -29.12 31.62
CA ILE A 37 35.80 -29.85 32.70
C ILE A 37 34.99 -29.96 34.00
N ILE A 38 34.13 -28.95 34.18
CA ILE A 38 33.40 -28.78 35.41
C ILE A 38 31.96 -28.50 35.02
N ASP A 39 31.04 -29.05 35.81
CA ASP A 39 29.61 -28.83 35.56
C ASP A 39 28.83 -29.00 36.86
N LEU A 40 27.54 -28.63 36.82
CA LEU A 40 26.64 -28.87 37.96
C LEU A 40 26.46 -30.39 38.15
N PRO A 41 26.23 -30.86 39.38
CA PRO A 41 26.08 -32.31 39.63
C PRO A 41 25.16 -32.98 38.61
N LYS A 42 25.60 -34.12 38.08
CA LYS A 42 24.91 -34.74 36.95
C LYS A 42 23.56 -35.33 37.38
N SER A 43 23.55 -35.80 38.62
CA SER A 43 22.45 -36.54 39.24
C SER A 43 21.62 -35.64 40.16
N LYS A 44 22.30 -35.04 41.14
CA LYS A 44 21.71 -34.13 42.14
C LYS A 44 21.19 -32.82 41.53
N PHE A 45 20.38 -32.12 42.32
CA PHE A 45 19.78 -30.85 41.90
C PHE A 45 20.91 -29.79 41.72
N GLY A 46 21.74 -29.63 42.75
CA GLY A 46 22.95 -28.83 42.59
C GLY A 46 22.79 -27.33 42.69
N VAL A 47 21.73 -26.88 43.35
CA VAL A 47 21.47 -25.47 43.60
C VAL A 47 20.90 -25.31 45.00
N ASP A 48 21.54 -24.51 45.86
CA ASP A 48 21.05 -24.31 47.22
C ASP A 48 20.07 -23.15 47.28
N LEU A 49 18.79 -23.48 47.18
CA LEU A 49 17.71 -22.52 47.38
C LEU A 49 17.70 -21.84 48.75
N GLU A 50 18.40 -22.40 49.74
CA GLU A 50 18.47 -21.74 51.05
C GLU A 50 19.58 -20.69 51.15
N LYS A 51 20.48 -20.67 50.16
CA LYS A 51 21.60 -19.72 50.12
C LYS A 51 21.66 -19.00 48.77
N ASP A 52 20.61 -18.24 48.50
CA ASP A 52 20.47 -17.42 47.32
C ASP A 52 20.93 -18.11 46.04
N PHE A 53 20.44 -19.32 45.78
CA PHE A 53 20.63 -20.05 44.51
C PHE A 53 22.09 -20.41 44.27
N GLU A 54 22.79 -20.77 45.33
CA GLU A 54 24.21 -21.10 45.24
C GLU A 54 24.40 -22.41 44.48
N PRO A 55 25.15 -22.37 43.36
CA PRO A 55 25.39 -23.54 42.53
C PRO A 55 26.50 -24.42 43.10
N GLU A 56 26.44 -25.70 42.77
CA GLU A 56 27.40 -26.68 43.27
C GLU A 56 28.13 -27.24 42.06
N PHE A 57 29.44 -27.21 42.07
CA PHE A 57 30.18 -27.70 40.94
C PHE A 57 31.05 -28.87 41.30
N ALA A 58 31.11 -29.77 40.33
CA ALA A 58 31.94 -30.94 40.38
C ALA A 58 32.69 -31.15 39.05
N VAL A 59 33.92 -31.66 39.13
CA VAL A 59 34.68 -32.05 37.94
C VAL A 59 33.90 -33.16 37.22
N ILE A 60 33.76 -33.07 35.90
CA ILE A 60 33.08 -34.06 35.08
C ILE A 60 33.88 -35.37 35.10
N LYS A 61 33.18 -36.48 35.27
CA LYS A 61 33.84 -37.78 35.34
C LYS A 61 34.51 -38.04 33.99
N GLY A 62 35.78 -38.38 34.05
CA GLY A 62 36.62 -38.53 32.87
C GLY A 62 37.52 -37.35 32.58
N LYS A 63 37.31 -36.21 33.23
CA LYS A 63 38.08 -34.98 32.98
C LYS A 63 39.11 -34.65 34.06
N GLU A 64 39.30 -35.55 35.00
CA GLU A 64 40.21 -35.31 36.12
C GLU A 64 41.67 -35.11 35.67
N LYS A 65 42.12 -35.84 34.66
CA LYS A 65 43.50 -35.74 34.18
C LYS A 65 43.68 -34.37 33.54
N VAL A 66 42.63 -33.91 32.87
CA VAL A 66 42.65 -32.60 32.21
C VAL A 66 42.84 -31.49 33.25
N VAL A 67 42.00 -31.53 34.27
CA VAL A 67 42.07 -30.67 35.43
C VAL A 67 43.48 -30.59 36.04
N GLU A 68 44.07 -31.76 36.31
CA GLU A 68 45.38 -31.83 36.88
C GLU A 68 46.43 -31.21 35.96
N LYS A 69 46.30 -31.39 34.65
CA LYS A 69 47.25 -30.80 33.70
C LYS A 69 47.11 -29.27 33.68
N LEU A 70 45.87 -28.76 33.66
CA LEU A 70 45.64 -27.32 33.76
C LEU A 70 46.33 -26.67 34.98
N LYS A 71 46.11 -27.27 36.15
CA LYS A 71 46.78 -26.89 37.38
C LYS A 71 48.33 -26.85 37.33
N ASP A 72 48.92 -27.93 36.80
CA ASP A 72 50.34 -28.01 36.49
C ASP A 72 50.87 -26.90 35.60
N LEU A 73 50.21 -26.70 34.45
CA LEU A 73 50.58 -25.66 33.49
C LEU A 73 50.56 -24.26 34.09
N ALA A 74 49.56 -23.97 34.91
CA ALA A 74 49.37 -22.69 35.54
C ALA A 74 50.46 -22.38 36.55
N LYS A 75 51.04 -23.42 37.12
CA LYS A 75 52.24 -23.30 37.94
C LYS A 75 53.49 -23.10 37.09
N LYS A 76 53.50 -23.56 35.84
CA LYS A 76 54.72 -23.50 35.01
C LYS A 76 54.89 -22.21 34.24
N GLY A 77 53.80 -21.52 33.92
CA GLY A 77 53.88 -20.26 33.19
C GLY A 77 52.52 -19.61 33.16
N GLU A 78 52.39 -18.54 32.39
CA GLU A 78 51.11 -17.88 32.27
C GLU A 78 50.19 -18.74 31.40
N LEU A 79 48.95 -18.89 31.86
CA LEU A 79 48.01 -19.81 31.27
C LEU A 79 46.96 -18.91 30.69
N LEU A 80 46.98 -18.63 29.38
CA LEU A 80 45.95 -17.83 28.72
C LEU A 80 44.76 -18.71 28.27
N ILE A 81 43.56 -18.14 28.32
CA ILE A 81 42.35 -18.92 28.12
C ILE A 81 41.67 -18.34 26.86
N ALA A 82 41.57 -19.17 25.84
CA ALA A 82 41.05 -18.73 24.55
C ALA A 82 39.78 -19.45 24.14
N SER A 83 38.84 -19.57 25.09
CA SER A 83 37.52 -20.12 24.76
C SER A 83 36.73 -19.16 23.89
N ASP A 84 35.69 -19.66 23.22
CA ASP A 84 34.82 -18.78 22.44
C ASP A 84 34.21 -17.62 23.26
N MET A 85 33.88 -16.52 22.58
CA MET A 85 33.47 -15.29 23.24
C MET A 85 32.04 -15.19 23.76
N ASP A 86 31.21 -16.22 23.65
CA ASP A 86 29.85 -16.09 24.18
C ASP A 86 29.82 -16.33 25.67
N ARG A 87 28.66 -16.23 26.28
CA ARG A 87 28.57 -16.36 27.71
C ARG A 87 28.96 -17.78 28.18
N GLU A 88 28.64 -18.81 27.41
CA GLU A 88 29.09 -20.18 27.68
C GLU A 88 30.61 -20.33 27.72
N GLY A 89 31.29 -19.76 26.74
CA GLY A 89 32.73 -19.62 26.74
C GLY A 89 33.34 -18.89 27.91
N GLU A 90 32.67 -17.83 28.37
CA GLU A 90 33.10 -17.04 29.49
C GLU A 90 33.08 -17.89 30.78
N ALA A 91 32.03 -18.69 30.94
CA ALA A 91 31.89 -19.66 32.01
C ALA A 91 32.94 -20.77 31.93
N ILE A 92 33.22 -21.33 30.76
CA ILE A 92 34.37 -22.23 30.59
C ILE A 92 35.67 -21.55 31.08
N ALA A 93 35.89 -20.29 30.71
CA ALA A 93 37.09 -19.56 31.10
C ALA A 93 37.12 -19.40 32.63
N TRP A 94 35.98 -19.08 33.25
CA TRP A 94 35.86 -18.94 34.68
C TRP A 94 36.18 -20.24 35.44
N HIS A 95 35.66 -21.37 34.95
CA HIS A 95 36.00 -22.68 35.50
C HIS A 95 37.52 -22.97 35.52
N ILE A 96 38.16 -22.67 34.40
CA ILE A 96 39.60 -22.91 34.27
C ILE A 96 40.40 -22.04 35.25
N ALA A 97 40.05 -20.75 35.30
CA ALA A 97 40.64 -19.80 36.22
C ALA A 97 40.44 -20.21 37.68
N ARG A 98 39.25 -20.68 38.00
CA ARG A 98 38.99 -21.08 39.37
C ARG A 98 39.80 -22.32 39.83
N VAL A 99 39.80 -23.37 39.03
CA VAL A 99 40.57 -24.57 39.37
C VAL A 99 42.05 -24.31 39.45
N THR A 100 42.54 -23.32 38.70
CA THR A 100 43.95 -23.00 38.64
C THR A 100 44.33 -21.93 39.65
N ASN A 101 43.33 -21.33 40.32
CA ASN A 101 43.52 -20.20 41.24
C ASN A 101 44.12 -18.97 40.53
N THR A 102 43.59 -18.65 39.35
CA THR A 102 44.07 -17.50 38.57
C THR A 102 42.94 -16.51 38.24
N LEU A 103 41.82 -16.63 38.94
CA LEU A 103 40.71 -15.70 38.68
C LEU A 103 41.16 -14.28 39.05
N GLY A 104 40.93 -13.31 38.16
CA GLY A 104 41.36 -11.92 38.37
C GLY A 104 42.63 -11.50 37.63
N ARG A 105 43.39 -12.47 37.12
CA ARG A 105 44.57 -12.17 36.32
C ARG A 105 44.07 -11.75 34.94
N LYS A 106 44.89 -10.99 34.22
CA LYS A 106 44.55 -10.74 32.80
C LYS A 106 45.03 -11.94 32.02
N ASN A 107 44.16 -12.92 31.88
CA ASN A 107 44.49 -14.16 31.25
C ASN A 107 43.46 -14.72 30.27
N ARG A 108 42.49 -13.93 29.88
CA ARG A 108 41.43 -14.39 29.02
C ARG A 108 41.57 -13.59 27.72
N ILE A 109 41.66 -14.35 26.64
CA ILE A 109 41.85 -13.83 25.28
C ILE A 109 40.51 -13.81 24.55
N VAL A 110 40.26 -12.65 23.92
CA VAL A 110 39.00 -12.34 23.25
C VAL A 110 39.16 -12.11 21.73
N PHE A 111 38.35 -12.83 20.95
CA PHE A 111 38.40 -12.71 19.50
C PHE A 111 37.12 -13.18 18.85
N SER A 112 36.81 -12.66 17.67
CA SER A 112 35.69 -13.02 16.79
C SER A 112 36.12 -13.86 15.60
N GLU A 113 37.43 -14.06 15.47
CA GLU A 113 37.96 -14.84 14.37
C GLU A 113 39.32 -15.36 14.76
N ILE A 114 39.69 -16.51 14.19
CA ILE A 114 40.92 -17.22 14.45
C ILE A 114 41.90 -17.07 13.27
N THR A 115 42.34 -15.83 13.07
CA THR A 115 43.24 -15.46 12.00
C THR A 115 44.57 -14.97 12.54
N PRO A 116 45.66 -15.08 11.75
CA PRO A 116 46.98 -14.57 12.13
C PRO A 116 46.92 -13.16 12.72
N ARG A 117 46.29 -12.25 11.99
CA ARG A 117 46.18 -10.85 12.41
C ARG A 117 45.52 -10.66 13.80
N VAL A 118 44.34 -11.26 13.95
CA VAL A 118 43.58 -11.11 15.18
C VAL A 118 44.19 -11.85 16.37
N ILE A 119 44.61 -13.10 16.18
CA ILE A 119 45.14 -13.88 17.30
C ILE A 119 46.47 -13.35 17.82
N ARG A 120 47.34 -12.94 16.91
CA ARG A 120 48.64 -12.34 17.31
C ARG A 120 48.45 -11.12 18.18
N GLU A 121 47.43 -10.31 17.90
CA GLU A 121 47.11 -9.13 18.69
C GLU A 121 46.37 -9.54 19.96
N ALA A 122 45.46 -10.51 19.84
CA ALA A 122 44.65 -10.93 20.97
C ALA A 122 45.51 -11.52 22.08
N VAL A 123 46.53 -12.31 21.79
CA VAL A 123 47.40 -12.87 22.85
C VAL A 123 48.27 -11.84 23.55
N LYS A 124 48.51 -10.69 22.94
CA LYS A 124 49.27 -9.64 23.60
C LYS A 124 48.33 -8.72 24.43
N ASN A 125 47.02 -8.92 24.31
CA ASN A 125 46.08 -8.06 25.02
C ASN A 125 45.04 -8.86 25.84
N PRO A 126 45.50 -9.78 26.71
CA PRO A 126 44.51 -10.53 27.47
C PRO A 126 43.78 -9.63 28.45
N ARG A 127 42.60 -10.08 28.88
CA ARG A 127 41.82 -9.38 29.86
C ARG A 127 41.39 -10.29 31.01
N GLU A 128 40.84 -9.64 32.03
CA GLU A 128 40.24 -10.30 33.15
C GLU A 128 38.90 -10.96 32.69
N ILE A 129 38.56 -12.07 33.34
CA ILE A 129 37.32 -12.75 33.08
C ILE A 129 36.15 -11.83 33.46
N ASP A 130 35.11 -11.78 32.61
CA ASP A 130 33.93 -10.91 32.79
C ASP A 130 32.84 -11.64 33.57
N MET A 131 32.82 -11.37 34.85
CA MET A 131 31.91 -11.99 35.79
C MET A 131 30.43 -11.67 35.54
N LYS A 132 30.14 -10.57 34.84
CA LYS A 132 28.79 -10.26 34.45
C LYS A 132 28.25 -11.30 33.49
N LYS A 133 29.03 -11.56 32.43
CA LYS A 133 28.78 -12.63 31.48
C LYS A 133 28.72 -14.01 32.19
N VAL A 134 29.67 -14.26 33.08
CA VAL A 134 29.61 -15.51 33.81
C VAL A 134 28.28 -15.66 34.58
N ARG A 135 27.86 -14.64 35.33
CA ARG A 135 26.62 -14.74 36.09
C ARG A 135 25.35 -14.89 35.26
N ALA A 136 25.37 -14.30 34.07
CA ALA A 136 24.26 -14.45 33.11
C ALA A 136 24.09 -15.92 32.74
N GLN A 137 25.23 -16.54 32.45
CA GLN A 137 25.29 -17.95 32.09
C GLN A 137 24.87 -18.87 33.21
N LEU A 138 25.45 -18.66 34.38
CA LEU A 138 25.13 -19.43 35.56
C LEU A 138 23.65 -19.24 35.90
N ALA A 139 23.09 -18.05 35.77
CA ALA A 139 21.66 -17.87 35.98
C ALA A 139 20.80 -18.64 34.99
N ARG A 140 21.16 -18.65 33.70
CA ARG A 140 20.49 -19.52 32.72
C ARG A 140 20.54 -20.99 33.16
N ARG A 141 21.68 -21.46 33.64
CA ARG A 141 21.84 -22.88 34.01
C ARG A 141 20.94 -23.22 35.16
N ILE A 142 20.89 -22.29 36.12
CA ILE A 142 20.09 -22.46 37.32
C ILE A 142 18.57 -22.49 37.03
N LEU A 143 18.11 -21.51 36.25
CA LEU A 143 16.71 -21.46 35.80
C LEU A 143 16.29 -22.77 35.13
N ASP A 144 17.12 -23.26 34.21
CA ASP A 144 16.79 -24.48 33.47
C ASP A 144 16.76 -25.72 34.36
N ARG A 145 17.66 -25.72 35.34
CA ARG A 145 17.73 -26.75 36.35
C ARG A 145 16.51 -26.70 37.28
N ILE A 146 16.10 -25.51 37.73
CA ILE A 146 14.89 -25.39 38.55
C ILE A 146 13.69 -25.94 37.76
N VAL A 147 13.54 -25.51 36.51
CA VAL A 147 12.39 -25.93 35.71
C VAL A 147 12.46 -27.43 35.43
N GLY A 148 13.61 -27.86 34.91
CA GLY A 148 13.82 -29.23 34.50
C GLY A 148 13.60 -30.24 35.60
N TYR A 149 14.25 -30.02 36.74
CA TYR A 149 14.12 -30.96 37.87
C TYR A 149 12.79 -30.91 38.59
N SER A 150 12.05 -29.82 38.44
CA SER A 150 10.73 -29.70 39.07
C SER A 150 9.68 -30.43 38.22
N LEU A 151 9.69 -30.12 36.94
CA LEU A 151 8.67 -30.55 35.99
C LEU A 151 8.91 -31.90 35.35
N SER A 152 10.15 -32.28 35.11
CA SER A 152 10.44 -33.54 34.40
C SER A 152 10.01 -34.79 35.12
N PRO A 153 10.04 -34.79 36.47
CA PRO A 153 9.40 -35.89 37.20
C PRO A 153 7.86 -35.90 37.08
N VAL A 154 7.24 -34.72 37.17
CA VAL A 154 5.78 -34.59 37.02
C VAL A 154 5.31 -34.98 35.61
N LEU A 155 6.12 -34.65 34.61
CA LEU A 155 5.86 -35.03 33.24
C LEU A 155 6.19 -36.50 32.98
N TRP A 156 7.11 -37.07 33.76
CA TRP A 156 7.43 -38.49 33.61
C TRP A 156 6.28 -39.33 34.17
N ARG A 157 5.84 -38.94 35.37
CA ARG A 157 4.72 -39.56 36.08
C ARG A 157 3.43 -39.58 35.24
N ASN A 158 3.06 -38.46 34.62
CA ASN A 158 1.79 -38.35 33.89
C ASN A 158 1.79 -38.73 32.40
N PHE A 159 2.85 -38.37 31.67
CA PHE A 159 2.89 -38.53 30.21
C PHE A 159 4.14 -39.26 29.70
N LYS A 160 4.88 -39.95 30.57
CA LYS A 160 6.23 -40.45 30.25
C LYS A 160 7.04 -39.45 29.41
N SER A 161 7.23 -38.23 29.90
CA SER A 161 8.04 -37.23 29.21
C SER A 161 8.74 -36.21 30.12
N ASN A 162 9.40 -35.22 29.54
CA ASN A 162 10.26 -34.31 30.27
C ASN A 162 10.47 -32.95 29.60
N LEU A 163 10.74 -31.92 30.39
CA LEU A 163 11.08 -30.61 29.83
C LEU A 163 12.50 -30.16 30.19
N SER A 164 13.49 -30.82 29.56
CA SER A 164 14.89 -30.50 29.85
C SER A 164 15.31 -29.07 29.47
N ALA A 165 15.26 -28.71 28.17
CA ALA A 165 15.76 -27.39 27.67
C ALA A 165 14.95 -26.13 28.02
N GLY A 166 14.30 -26.31 29.19
CA GLY A 166 13.53 -25.36 29.97
C GLY A 166 12.43 -24.61 29.25
N ARG A 167 12.34 -23.34 29.63
CA ARG A 167 11.26 -22.52 29.13
C ARG A 167 11.40 -22.18 27.66
N VAL A 168 12.62 -22.17 27.13
CA VAL A 168 12.77 -21.79 25.74
C VAL A 168 12.16 -22.88 24.86
N GLN A 169 12.34 -24.14 25.24
CA GLN A 169 11.82 -25.32 24.54
C GLN A 169 10.29 -25.28 24.58
N SER A 170 9.70 -25.09 25.75
CA SER A 170 8.26 -25.00 25.91
C SER A 170 7.62 -23.80 25.18
N ALA A 171 8.28 -22.64 25.19
CA ALA A 171 7.76 -21.49 24.46
C ALA A 171 7.78 -21.72 22.92
N THR A 172 8.77 -22.45 22.41
CA THR A 172 8.89 -22.69 20.97
C THR A 172 7.85 -23.74 20.56
N LEU A 173 7.65 -24.74 21.41
CA LEU A 173 6.61 -25.74 21.19
C LEU A 173 5.22 -25.04 21.08
N LYS A 174 4.98 -24.11 22.00
CA LYS A 174 3.75 -23.31 22.01
C LYS A 174 3.57 -22.54 20.69
N LEU A 175 4.62 -21.94 20.15
CA LEU A 175 4.50 -21.23 18.86
C LEU A 175 3.94 -22.16 17.78
N VAL A 176 4.45 -23.39 17.72
CA VAL A 176 4.04 -24.40 16.75
C VAL A 176 2.58 -24.80 16.97
N CYS A 177 2.17 -25.01 18.22
CA CYS A 177 0.77 -25.34 18.53
C CYS A 177 -0.17 -24.19 18.22
N ASP A 178 0.29 -22.98 18.49
CA ASP A 178 -0.47 -21.76 18.17
C ASP A 178 -0.68 -21.65 16.64
N ARG A 179 0.36 -21.88 15.84
CA ARG A 179 0.23 -21.89 14.38
C ARG A 179 -0.76 -22.94 13.86
N GLU A 180 -0.70 -24.12 14.48
CA GLU A 180 -1.55 -25.23 14.12
C GLU A 180 -3.03 -24.91 14.37
N ARG A 181 -3.32 -24.23 15.47
CA ARG A 181 -4.69 -23.78 15.79
C ARG A 181 -5.18 -22.70 14.81
N GLU A 182 -4.32 -21.76 14.46
CA GLU A 182 -4.65 -20.76 13.46
C GLU A 182 -5.06 -21.44 12.14
N ILE A 183 -4.34 -22.50 11.74
CA ILE A 183 -4.64 -23.26 10.51
C ILE A 183 -5.93 -24.02 10.68
N LEU A 184 -6.09 -24.70 11.82
CA LEU A 184 -7.29 -25.46 12.10
C LEU A 184 -8.57 -24.62 11.99
N ARG A 185 -8.52 -23.39 12.47
CA ARG A 185 -9.69 -22.53 12.61
C ARG A 185 -9.97 -21.67 11.38
N PHE A 186 -9.10 -21.79 10.38
CA PHE A 186 -9.18 -20.94 9.19
C PHE A 186 -10.32 -21.40 8.29
N VAL A 187 -11.10 -20.43 7.81
CA VAL A 187 -12.22 -20.72 6.92
C VAL A 187 -11.90 -20.09 5.55
N PRO A 188 -11.58 -20.93 4.55
CA PRO A 188 -11.28 -20.36 3.22
C PRO A 188 -12.51 -19.70 2.57
N LYS A 189 -12.23 -18.70 1.76
CA LYS A 189 -13.20 -17.94 0.98
C LYS A 189 -12.83 -18.08 -0.51
N LYS A 190 -13.82 -18.45 -1.31
CA LYS A 190 -13.70 -18.44 -2.77
C LYS A 190 -13.73 -17.01 -3.30
N TYR A 191 -12.85 -16.76 -4.28
CA TYR A 191 -12.81 -15.46 -4.97
C TYR A 191 -12.25 -15.65 -6.37
N HIS A 192 -12.35 -14.59 -7.18
CA HIS A 192 -11.68 -14.59 -8.50
C HIS A 192 -10.42 -13.75 -8.53
N ARG A 193 -9.36 -14.33 -9.08
CA ARG A 193 -8.19 -13.54 -9.46
C ARG A 193 -8.45 -13.10 -10.90
N ILE A 194 -8.50 -11.80 -11.13
CA ILE A 194 -8.74 -11.26 -12.49
C ILE A 194 -7.54 -10.40 -12.90
N THR A 195 -6.87 -10.82 -13.99
CA THR A 195 -5.71 -10.10 -14.53
C THR A 195 -5.94 -9.75 -16.01
N VAL A 196 -5.32 -8.65 -16.42
CA VAL A 196 -5.29 -8.21 -17.81
C VAL A 196 -3.84 -8.24 -18.25
N ASN A 197 -3.63 -8.69 -19.49
CA ASN A 197 -2.29 -8.87 -20.00
C ASN A 197 -2.19 -8.11 -21.32
N PHE A 198 -1.09 -7.41 -21.54
CA PHE A 198 -0.87 -6.58 -22.74
C PHE A 198 0.61 -6.27 -22.81
N ASP A 199 1.26 -6.39 -23.96
CA ASP A 199 2.70 -6.01 -24.09
C ASP A 199 3.72 -6.45 -23.05
N GLY A 200 3.58 -7.69 -22.58
CA GLY A 200 4.41 -8.17 -21.51
C GLY A 200 4.10 -7.62 -20.14
N LEU A 201 3.01 -6.90 -20.01
CA LEU A 201 2.63 -6.33 -18.73
C LEU A 201 1.40 -7.07 -18.23
N THR A 202 1.18 -6.95 -16.92
CA THR A 202 -0.02 -7.45 -16.27
C THR A 202 -0.56 -6.42 -15.27
N ALA A 203 -1.86 -6.47 -15.03
CA ALA A 203 -2.48 -5.64 -14.02
C ALA A 203 -3.60 -6.45 -13.39
N GLU A 204 -3.88 -6.23 -12.11
CA GLU A 204 -4.98 -6.90 -11.40
C GLU A 204 -6.18 -6.00 -11.24
N ILE A 205 -7.36 -6.61 -11.28
CA ILE A 205 -8.58 -5.88 -11.08
C ILE A 205 -8.55 -5.15 -9.74
N ASP A 206 -9.06 -3.92 -9.76
CA ASP A 206 -8.99 -3.04 -8.62
C ASP A 206 -10.28 -3.27 -7.84
N VAL A 207 -10.19 -3.91 -6.68
CA VAL A 207 -11.41 -4.17 -5.88
C VAL A 207 -11.02 -3.85 -4.44
N LYS A 208 -12.01 -3.50 -3.63
CA LYS A 208 -11.78 -3.18 -2.22
C LYS A 208 -11.34 -4.40 -1.41
N GLU A 209 -11.94 -5.56 -1.69
CA GLU A 209 -11.56 -6.83 -1.07
C GLU A 209 -11.77 -7.96 -2.07
N LYS A 210 -11.18 -9.12 -1.79
CA LYS A 210 -11.39 -10.31 -2.62
C LYS A 210 -12.88 -10.61 -2.80
N LYS A 211 -13.23 -10.99 -4.02
CA LYS A 211 -14.62 -11.16 -4.38
C LYS A 211 -14.80 -12.35 -5.33
N PHE A 212 -15.87 -13.09 -5.11
CA PHE A 212 -16.40 -14.05 -6.07
C PHE A 212 -17.47 -13.29 -6.88
N PHE A 213 -17.19 -13.04 -8.15
CA PHE A 213 -18.06 -12.31 -9.06
C PHE A 213 -19.15 -13.23 -9.59
N ASP A 214 -20.35 -12.68 -9.79
CA ASP A 214 -21.40 -13.46 -10.45
C ASP A 214 -21.15 -13.67 -11.93
N ALA A 215 -21.91 -14.58 -12.52
CA ALA A 215 -21.58 -15.11 -13.84
C ALA A 215 -21.69 -14.08 -14.98
N GLU A 216 -22.65 -13.17 -14.82
CA GLU A 216 -22.94 -12.16 -15.83
C GLU A 216 -21.83 -11.14 -15.77
N THR A 217 -21.35 -10.82 -14.56
CA THR A 217 -20.22 -9.90 -14.37
C THR A 217 -18.96 -10.48 -14.96
N LEU A 218 -18.71 -11.76 -14.70
CA LEU A 218 -17.57 -12.44 -15.29
C LEU A 218 -17.54 -12.41 -16.82
N LYS A 219 -18.71 -12.63 -17.42
CA LYS A 219 -18.90 -12.59 -18.87
C LYS A 219 -18.53 -11.18 -19.36
N GLU A 220 -19.11 -10.15 -18.76
CA GLU A 220 -18.75 -8.76 -19.05
C GLU A 220 -17.22 -8.50 -18.97
N ILE A 221 -16.60 -8.88 -17.87
CA ILE A 221 -15.16 -8.62 -17.68
C ILE A 221 -14.30 -9.38 -18.68
N GLN A 222 -14.66 -10.64 -18.96
CA GLN A 222 -13.92 -11.48 -19.88
C GLN A 222 -14.00 -10.90 -21.31
N SER A 223 -15.09 -10.20 -21.63
CA SER A 223 -15.28 -9.54 -22.92
C SER A 223 -14.38 -8.31 -23.18
N ILE A 224 -13.68 -7.82 -22.17
CA ILE A 224 -12.82 -6.64 -22.32
C ILE A 224 -11.66 -6.92 -23.26
N ASP A 225 -11.53 -6.13 -24.33
CA ASP A 225 -10.37 -6.26 -25.21
C ASP A 225 -9.52 -5.02 -25.45
N GLU A 226 -9.95 -3.93 -24.79
CA GLU A 226 -9.29 -2.63 -24.84
C GLU A 226 -9.43 -1.91 -23.49
N LEU A 227 -8.34 -1.27 -23.10
CA LEU A 227 -8.25 -0.46 -21.88
C LEU A 227 -7.71 0.94 -22.25
N VAL A 228 -7.94 1.90 -21.35
CA VAL A 228 -7.38 3.26 -21.40
C VAL A 228 -6.49 3.50 -20.18
N VAL A 229 -5.30 4.03 -20.43
CA VAL A 229 -4.44 4.43 -19.35
C VAL A 229 -5.09 5.61 -18.59
N GLU A 230 -5.41 5.40 -17.32
CA GLU A 230 -6.01 6.39 -16.45
C GLU A 230 -4.92 7.13 -15.66
N GLU A 231 -3.97 6.36 -15.13
CA GLU A 231 -2.88 6.96 -14.35
C GLU A 231 -1.56 6.31 -14.64
N LYS A 232 -0.49 7.10 -14.69
CA LYS A 232 0.87 6.57 -14.78
C LYS A 232 1.74 7.51 -13.95
N LYS A 233 2.37 6.94 -12.93
CA LYS A 233 3.32 7.68 -12.10
C LYS A 233 4.67 6.98 -12.15
N VAL A 234 5.72 7.76 -12.40
CA VAL A 234 7.08 7.22 -12.51
C VAL A 234 7.87 7.79 -11.35
N SER A 235 8.54 6.94 -10.58
CA SER A 235 9.46 7.40 -9.55
C SER A 235 10.73 6.54 -9.48
N VAL A 236 11.83 7.09 -9.00
CA VAL A 236 13.05 6.32 -8.71
C VAL A 236 12.87 5.49 -7.45
N LYS A 237 13.24 4.22 -7.52
CA LYS A 237 13.18 3.33 -6.37
C LYS A 237 14.59 2.75 -6.16
N LYS A 238 15.13 2.93 -4.95
CA LYS A 238 16.35 2.29 -4.48
C LYS A 238 16.07 1.06 -3.61
N PHE A 239 16.88 0.01 -3.78
CA PHE A 239 16.77 -1.17 -2.92
C PHE A 239 18.07 -1.34 -2.15
N ALA A 240 17.95 -1.40 -0.83
CA ALA A 240 19.11 -1.56 0.04
C ALA A 240 19.68 -2.99 -0.07
N PRO A 241 21.01 -3.15 0.05
CA PRO A 241 21.61 -4.48 0.08
C PRO A 241 21.21 -5.21 1.38
N PRO A 242 21.33 -6.55 1.41
CA PRO A 242 21.03 -7.23 2.67
C PRO A 242 22.07 -6.85 3.73
N GLU A 243 21.69 -7.02 4.99
CA GLU A 243 22.67 -6.85 6.07
C GLU A 243 23.62 -8.06 6.05
N PRO A 244 24.82 -7.86 6.59
CA PRO A 244 25.70 -9.01 6.83
C PRO A 244 24.96 -10.00 7.77
N PHE A 245 25.27 -11.29 7.68
CA PHE A 245 24.58 -12.31 8.46
C PHE A 245 24.78 -12.12 9.97
N LYS A 246 23.75 -12.47 10.75
CA LYS A 246 23.91 -12.85 12.15
C LYS A 246 23.41 -14.32 12.22
N THR A 247 23.44 -14.89 13.42
CA THR A 247 23.08 -16.29 13.61
C THR A 247 21.69 -16.65 13.05
N SER A 248 20.67 -15.90 13.43
CA SER A 248 19.29 -16.19 13.06
C SER A 248 19.15 -16.14 11.52
N THR A 249 19.71 -15.10 10.91
CA THR A 249 19.61 -14.95 9.44
C THR A 249 20.39 -15.93 8.63
N LEU A 250 21.58 -16.34 9.12
CA LEU A 250 22.28 -17.40 8.48
C LEU A 250 21.46 -18.69 8.49
N GLN A 251 20.90 -19.01 9.65
CA GLN A 251 20.12 -20.25 9.77
C GLN A 251 18.89 -20.20 8.79
N GLN A 252 18.19 -19.08 8.75
CA GLN A 252 17.06 -18.92 7.82
C GLN A 252 17.39 -19.13 6.32
N GLU A 253 18.40 -18.40 5.88
CA GLU A 253 18.86 -18.44 4.49
C GLU A 253 19.54 -19.69 4.06
N ALA A 254 20.34 -20.28 4.95
CA ALA A 254 20.90 -21.57 4.65
C ALA A 254 19.75 -22.59 4.59
N TYR A 255 18.69 -22.45 5.36
CA TYR A 255 17.59 -23.41 5.22
C TYR A 255 16.90 -23.27 3.83
N SER A 256 16.49 -22.05 3.53
CA SER A 256 15.71 -21.71 2.32
C SER A 256 16.52 -21.75 1.00
N LYS A 257 17.83 -21.48 1.05
CA LYS A 257 18.65 -21.49 -0.14
C LYS A 257 19.45 -22.74 -0.38
N LEU A 258 19.80 -23.49 0.67
CA LEU A 258 20.63 -24.67 0.58
C LEU A 258 19.94 -25.92 1.10
N GLY A 259 18.81 -25.80 1.75
CA GLY A 259 18.22 -26.99 2.35
C GLY A 259 18.84 -27.53 3.64
N PHE A 260 19.69 -26.75 4.31
CA PHE A 260 20.38 -27.25 5.50
C PHE A 260 19.46 -27.06 6.69
N SER A 261 19.28 -28.13 7.46
CA SER A 261 18.67 -27.96 8.78
C SER A 261 19.51 -26.95 9.56
N VAL A 262 18.93 -26.34 10.59
CA VAL A 262 19.60 -25.30 11.35
C VAL A 262 20.79 -25.87 12.12
N SER A 263 20.65 -27.10 12.56
CA SER A 263 21.72 -27.78 13.28
C SER A 263 22.91 -28.04 12.34
N LYS A 264 22.65 -28.46 11.11
CA LYS A 264 23.70 -28.71 10.12
C LYS A 264 24.44 -27.41 9.82
N THR A 265 23.70 -26.35 9.58
CA THR A 265 24.27 -25.01 9.36
C THR A 265 25.23 -24.63 10.51
N MET A 266 24.82 -24.81 11.77
CA MET A 266 25.69 -24.50 12.89
C MET A 266 26.89 -25.42 12.98
N MET A 267 26.74 -26.70 12.69
CA MET A 267 27.89 -27.59 12.63
C MET A 267 28.91 -27.19 11.54
N ILE A 268 28.45 -26.89 10.34
CA ILE A 268 29.37 -26.47 9.24
C ILE A 268 30.08 -25.14 9.58
N ALA A 269 29.29 -24.21 10.04
CA ALA A 269 29.76 -22.92 10.43
C ALA A 269 30.79 -23.02 11.54
N GLN A 270 30.63 -23.94 12.47
CA GLN A 270 31.67 -24.15 13.51
C GLN A 270 32.98 -24.63 12.90
N GLN A 271 32.89 -25.50 11.90
CA GLN A 271 34.08 -26.00 11.25
C GLN A 271 34.84 -24.86 10.58
N LEU A 272 34.11 -23.97 9.92
CA LEU A 272 34.67 -22.85 9.16
C LEU A 272 35.22 -21.75 10.08
N TYR A 273 34.64 -21.65 11.25
CA TYR A 273 35.14 -20.69 12.28
C TYR A 273 36.39 -21.20 13.01
N GLU A 274 36.35 -22.46 13.46
CA GLU A 274 37.50 -23.13 14.11
C GLU A 274 38.74 -23.38 13.27
N GLY A 275 38.53 -23.57 11.96
CA GLY A 275 39.58 -23.82 11.01
C GLY A 275 39.60 -25.28 10.55
N VAL A 276 39.94 -25.47 9.28
CA VAL A 276 40.12 -26.79 8.69
C VAL A 276 41.57 -27.05 8.30
N GLU A 277 41.87 -28.34 8.37
CA GLU A 277 43.20 -28.82 8.02
C GLU A 277 43.26 -28.74 6.53
N THR A 278 44.23 -27.99 6.02
CA THR A 278 44.56 -28.00 4.59
C THR A 278 45.99 -28.55 4.55
N LYS A 279 46.79 -28.25 3.53
CA LYS A 279 48.23 -28.26 3.85
C LYS A 279 48.98 -26.99 3.46
N ASP A 280 48.27 -25.88 3.65
CA ASP A 280 48.87 -24.59 3.95
C ASP A 280 48.56 -24.39 5.46
N GLY A 281 48.55 -25.51 6.20
CA GLY A 281 48.15 -25.60 7.61
C GLY A 281 46.66 -25.61 7.98
N HIS A 282 46.37 -25.13 9.19
CA HIS A 282 45.03 -25.23 9.70
C HIS A 282 44.51 -23.81 9.61
N ILE A 283 43.59 -23.58 8.68
CA ILE A 283 43.05 -22.24 8.40
C ILE A 283 41.52 -21.97 8.53
N ALA A 284 41.21 -20.83 9.13
CA ALA A 284 39.83 -20.43 9.38
C ALA A 284 39.26 -19.66 8.19
N PHE A 285 37.94 -19.73 8.05
CA PHE A 285 37.24 -19.13 6.90
C PHE A 285 36.23 -18.05 7.24
N ILE A 286 35.59 -18.15 8.41
CA ILE A 286 34.57 -17.22 8.85
C ILE A 286 34.75 -16.75 10.30
N THR A 287 34.08 -15.67 10.61
CA THR A 287 33.98 -15.15 11.94
C THR A 287 33.03 -16.03 12.79
N TYR A 288 33.09 -15.79 14.08
CA TYR A 288 32.34 -16.55 15.06
C TYR A 288 30.85 -16.63 14.72
N MET A 289 30.30 -17.83 14.87
CA MET A 289 28.94 -18.13 14.35
C MET A 289 27.77 -17.94 15.31
N ARG A 290 28.05 -17.57 16.58
CA ARG A 290 27.07 -17.22 17.59
C ARG A 290 27.16 -15.72 17.83
N THR A 291 26.28 -15.00 17.16
CA THR A 291 26.24 -13.55 17.20
C THR A 291 24.84 -13.03 16.93
N ASP A 292 24.49 -11.94 17.60
CA ASP A 292 23.26 -11.19 17.39
C ASP A 292 23.58 -9.89 16.67
N SER A 293 24.78 -9.78 16.11
CA SER A 293 25.20 -8.50 15.58
C SER A 293 25.44 -8.60 14.09
N THR A 294 25.08 -7.58 13.32
CA THR A 294 25.38 -7.46 11.90
C THR A 294 26.52 -6.43 11.70
N ARG A 295 27.16 -6.04 12.80
CA ARG A 295 28.30 -5.14 12.76
C ARG A 295 29.55 -5.70 12.05
N VAL A 296 30.16 -4.83 11.24
CA VAL A 296 31.40 -5.11 10.53
C VAL A 296 32.59 -4.21 10.93
N SER A 297 33.70 -4.85 11.23
CA SER A 297 34.91 -4.14 11.63
C SER A 297 35.45 -3.23 10.52
N ASP A 298 36.20 -2.23 10.96
CA ASP A 298 36.75 -1.27 10.03
C ASP A 298 37.69 -1.99 9.08
N TYR A 299 38.49 -2.90 9.63
CA TYR A 299 39.37 -3.69 8.80
C TYR A 299 38.62 -4.46 7.69
N ALA A 300 37.51 -5.09 8.07
CA ALA A 300 36.74 -5.91 7.12
C ALA A 300 36.08 -5.01 6.07
N LYS A 301 35.62 -3.85 6.51
CA LYS A 301 35.01 -2.88 5.58
C LYS A 301 36.01 -2.43 4.52
N GLU A 302 37.23 -2.18 4.95
CA GLU A 302 38.25 -1.70 4.04
C GLU A 302 38.69 -2.75 3.02
N GLU A 303 38.91 -4.01 3.43
CA GLU A 303 39.22 -5.11 2.53
C GLU A 303 38.14 -5.33 1.48
N ALA A 304 36.90 -5.18 1.92
CA ALA A 304 35.72 -5.32 1.04
C ALA A 304 35.68 -4.19 0.01
N ARG A 305 35.92 -2.93 0.43
CA ARG A 305 36.04 -1.82 -0.51
C ARG A 305 37.09 -2.09 -1.56
N ASN A 306 38.24 -2.62 -1.14
CA ASN A 306 39.38 -2.87 -2.02
C ASN A 306 38.97 -3.94 -3.04
N LEU A 307 38.39 -5.04 -2.58
CA LEU A 307 37.94 -6.09 -3.49
C LEU A 307 36.90 -5.58 -4.46
N ILE A 308 35.89 -4.85 -3.96
CA ILE A 308 34.82 -4.34 -4.83
C ILE A 308 35.36 -3.38 -5.90
N THR A 309 36.18 -2.43 -5.44
CA THR A 309 36.79 -1.44 -6.30
C THR A 309 37.52 -2.11 -7.46
N GLU A 310 38.25 -3.17 -7.14
CA GLU A 310 39.09 -3.87 -8.10
C GLU A 310 38.30 -4.76 -9.05
N VAL A 311 37.31 -5.49 -8.54
CA VAL A 311 36.61 -6.52 -9.29
C VAL A 311 35.42 -5.89 -10.01
N PHE A 312 34.71 -5.00 -9.33
CA PHE A 312 33.50 -4.40 -9.90
C PHE A 312 33.60 -2.95 -10.34
N GLY A 313 34.43 -2.16 -9.66
CA GLY A 313 34.55 -0.72 -9.86
C GLY A 313 34.13 0.09 -8.65
N GLU A 314 34.69 1.28 -8.50
CA GLU A 314 34.44 2.07 -7.29
C GLU A 314 33.02 2.57 -7.12
N GLU A 315 32.28 2.61 -8.22
CA GLU A 315 30.87 2.99 -8.23
C GLU A 315 29.95 1.93 -7.57
N TYR A 316 30.50 0.74 -7.35
CA TYR A 316 29.82 -0.33 -6.60
C TYR A 316 30.04 -0.30 -5.09
N VAL A 317 30.92 0.60 -4.63
CA VAL A 317 31.31 0.66 -3.22
C VAL A 317 30.27 1.40 -2.42
N GLY A 318 29.75 0.70 -1.41
CA GLY A 318 28.72 1.19 -0.54
C GLY A 318 29.21 2.26 0.43
N ALA A 333 30.66 -5.18 20.68
CA ALA A 333 31.72 -6.22 20.76
C ALA A 333 31.51 -7.46 19.87
N HIS A 334 30.26 -7.77 19.57
CA HIS A 334 29.96 -8.86 18.66
C HIS A 334 30.02 -8.32 17.23
N GLU A 335 30.27 -9.26 16.32
CA GLU A 335 30.46 -8.96 14.92
C GLU A 335 29.53 -9.86 14.07
N ALA A 336 29.24 -9.40 12.86
CA ALA A 336 28.60 -10.24 11.84
C ALA A 336 29.39 -11.53 11.58
N ILE A 337 28.63 -12.50 11.04
CA ILE A 337 29.18 -13.70 10.45
C ILE A 337 29.56 -13.34 9.00
N ARG A 338 30.85 -13.39 8.73
CA ARG A 338 31.42 -12.95 7.42
C ARG A 338 32.70 -13.73 7.17
N PRO A 339 33.18 -13.67 5.91
CA PRO A 339 34.49 -14.26 5.71
C PRO A 339 35.61 -13.51 6.47
N THR A 340 36.60 -14.25 6.96
CA THR A 340 37.78 -13.69 7.56
C THR A 340 38.66 -12.99 6.49
N ASN A 341 38.71 -13.54 5.29
CA ASN A 341 39.43 -13.02 4.15
C ASN A 341 38.54 -13.01 2.91
N VAL A 342 38.03 -11.83 2.61
CA VAL A 342 37.22 -11.63 1.39
C VAL A 342 37.93 -12.03 0.07
N PHE A 343 39.26 -11.94 0.02
CA PHE A 343 40.02 -12.35 -1.14
C PHE A 343 40.08 -13.87 -1.25
N MET A 344 39.63 -14.59 -0.22
CA MET A 344 39.43 -16.02 -0.33
C MET A 344 38.02 -16.11 -0.91
N THR A 345 37.96 -16.06 -2.23
CA THR A 345 36.69 -16.15 -2.96
C THR A 345 36.13 -17.57 -2.88
N PRO A 346 34.82 -17.74 -3.14
CA PRO A 346 34.28 -19.09 -3.16
C PRO A 346 34.97 -20.14 -4.03
N GLU A 347 35.42 -19.70 -5.21
CA GLU A 347 36.20 -20.50 -6.11
C GLU A 347 37.51 -20.94 -5.46
N GLU A 348 38.29 -20.00 -4.91
CA GLU A 348 39.49 -20.35 -4.16
C GLU A 348 39.21 -21.36 -3.03
N ALA A 349 38.14 -21.10 -2.28
CA ALA A 349 37.75 -21.88 -1.12
C ALA A 349 37.51 -23.35 -1.39
N GLY A 350 37.08 -23.70 -2.59
CA GLY A 350 36.83 -25.12 -2.93
C GLY A 350 38.00 -26.06 -2.97
N LYS A 351 39.20 -25.49 -3.02
CA LYS A 351 40.37 -26.36 -2.92
C LYS A 351 40.41 -26.89 -1.51
N TYR A 352 39.77 -26.23 -0.54
CA TYR A 352 39.97 -26.56 0.86
C TYR A 352 38.74 -27.13 1.55
N LEU A 353 37.59 -26.83 0.95
CA LEU A 353 36.29 -27.06 1.60
C LEU A 353 35.58 -28.23 0.95
N ASN A 354 34.87 -29.00 1.77
CA ASN A 354 33.95 -29.99 1.25
C ASN A 354 32.72 -29.32 0.61
N SER A 355 31.89 -30.07 -0.08
CA SER A 355 30.76 -29.49 -0.83
C SER A 355 29.78 -28.69 0.04
N ASP A 356 29.48 -29.18 1.24
CA ASP A 356 28.55 -28.48 2.14
C ASP A 356 29.19 -27.22 2.69
N GLN A 357 30.45 -27.35 3.11
CA GLN A 357 31.27 -26.22 3.60
C GLN A 357 31.38 -25.11 2.56
N LYS A 358 31.63 -25.51 1.31
CA LYS A 358 31.74 -24.56 0.21
C LYS A 358 30.41 -23.83 -0.09
N LYS A 359 29.28 -24.52 -0.08
CA LYS A 359 27.98 -23.89 -0.13
C LYS A 359 27.67 -22.84 0.92
N LEU A 360 27.93 -23.17 2.19
CA LEU A 360 27.72 -22.23 3.30
C LEU A 360 28.68 -21.03 3.20
N TYR A 361 29.94 -21.32 2.89
CA TYR A 361 30.98 -20.30 2.74
C TYR A 361 30.59 -19.31 1.65
N GLU A 362 30.18 -19.85 0.51
CA GLU A 362 29.73 -19.07 -0.64
C GLU A 362 28.56 -18.14 -0.30
N LEU A 363 27.57 -18.73 0.41
CA LEU A 363 26.43 -17.98 0.90
C LEU A 363 26.85 -16.81 1.78
N ILE A 364 27.74 -17.11 2.74
CA ILE A 364 28.23 -16.13 3.70
C ILE A 364 29.00 -14.99 2.98
N TRP A 365 29.83 -15.39 2.04
CA TRP A 365 30.69 -14.52 1.26
C TRP A 365 29.87 -13.51 0.41
N LYS A 366 28.89 -14.02 -0.34
CA LYS A 366 28.00 -13.21 -1.16
C LYS A 366 27.17 -12.26 -0.33
N ARG A 367 26.63 -12.74 0.78
CA ARG A 367 25.87 -11.88 1.69
C ARG A 367 26.74 -10.71 2.17
N PHE A 368 27.96 -11.01 2.60
CA PHE A 368 28.84 -9.99 3.13
C PHE A 368 29.29 -9.01 2.05
N LEU A 369 29.74 -9.52 0.93
CA LEU A 369 30.20 -8.63 -0.15
C LEU A 369 29.04 -7.71 -0.61
N ALA A 370 27.86 -8.30 -0.84
CA ALA A 370 26.67 -7.56 -1.23
C ALA A 370 26.32 -6.47 -0.21
N SER A 371 26.45 -6.80 1.08
CA SER A 371 26.13 -5.86 2.17
C SER A 371 26.97 -4.57 2.16
N GLN A 372 28.13 -4.66 1.54
CA GLN A 372 29.09 -3.58 1.39
C GLN A 372 29.00 -2.82 0.06
N MET A 373 28.08 -3.22 -0.80
CA MET A 373 27.89 -2.57 -2.11
C MET A 373 26.72 -1.57 -2.09
N LYS A 374 26.65 -0.75 -3.14
CA LYS A 374 25.62 0.26 -3.33
C LYS A 374 24.20 -0.34 -3.43
N PRO A 375 23.17 0.36 -2.91
CA PRO A 375 21.83 0.01 -3.31
C PRO A 375 21.68 -0.05 -4.83
N SER A 376 20.73 -0.89 -5.25
CA SER A 376 20.37 -0.95 -6.66
C SER A 376 19.41 0.20 -6.88
N GLN A 377 19.30 0.64 -8.12
CA GLN A 377 18.41 1.73 -8.54
C GLN A 377 17.54 1.29 -9.71
N TYR A 378 16.24 1.57 -9.61
CA TYR A 378 15.23 1.22 -10.63
C TYR A 378 14.27 2.41 -10.82
N GLU A 379 13.63 2.49 -11.98
CA GLU A 379 12.47 3.40 -12.12
C GLU A 379 11.24 2.52 -12.03
N GLU A 380 10.31 2.85 -11.13
CA GLU A 380 9.08 2.13 -10.94
C GLU A 380 7.99 2.92 -11.64
N THR A 381 7.25 2.25 -12.53
CA THR A 381 6.07 2.83 -13.12
C THR A 381 4.85 2.18 -12.45
N ARG A 382 4.07 2.97 -11.73
CA ARG A 382 2.77 2.57 -11.17
C ARG A 382 1.68 3.05 -12.09
N PHE A 383 0.85 2.12 -12.55
CA PHE A 383 -0.16 2.44 -13.52
C PHE A 383 -1.54 1.95 -13.16
N VAL A 384 -2.52 2.69 -13.68
CA VAL A 384 -3.95 2.31 -13.64
C VAL A 384 -4.56 2.35 -15.03
N LEU A 385 -5.23 1.26 -15.40
CA LEU A 385 -5.98 1.16 -16.63
C LEU A 385 -7.48 1.07 -16.33
N ARG A 386 -8.31 1.62 -17.19
CA ARG A 386 -9.75 1.55 -17.05
C ARG A 386 -10.39 1.06 -18.32
N THR A 387 -11.57 0.48 -18.20
CA THR A 387 -12.41 0.30 -19.36
C THR A 387 -12.97 1.64 -19.89
N LYS A 388 -13.39 1.66 -21.14
CA LYS A 388 -13.94 2.86 -21.73
C LYS A 388 -15.27 3.31 -21.17
N ASP A 389 -16.01 2.36 -20.62
CA ASP A 389 -17.25 2.69 -19.92
C ASP A 389 -17.02 3.11 -18.48
N GLY A 390 -15.79 3.12 -17.99
CA GLY A 390 -15.55 3.47 -16.62
C GLY A 390 -15.99 2.47 -15.54
N LYS A 391 -16.40 1.27 -15.94
CA LYS A 391 -16.87 0.25 -14.98
C LYS A 391 -15.77 -0.48 -14.23
N TYR A 392 -14.62 -0.76 -14.85
CA TYR A 392 -13.57 -1.55 -14.24
C TYR A 392 -12.21 -0.84 -14.33
N ARG A 393 -11.39 -1.01 -13.30
CA ARG A 393 -9.99 -0.59 -13.21
C ARG A 393 -9.09 -1.75 -12.85
N PHE A 394 -7.85 -1.66 -13.34
CA PHE A 394 -6.78 -2.64 -13.18
C PHE A 394 -5.53 -1.83 -12.83
N LYS A 395 -4.82 -2.32 -11.81
CA LYS A 395 -3.58 -1.72 -11.37
C LYS A 395 -2.39 -2.65 -11.50
N GLY A 396 -1.27 -2.02 -11.82
CA GLY A 396 -0.03 -2.71 -11.97
C GLY A 396 1.18 -1.82 -11.74
N THR A 397 2.32 -2.50 -11.69
CA THR A 397 3.63 -1.80 -11.62
C THR A 397 4.60 -2.49 -12.56
N VAL A 398 5.60 -1.73 -13.02
CA VAL A 398 6.73 -2.30 -13.74
C VAL A 398 7.97 -1.50 -13.32
N LEU A 399 9.09 -2.19 -13.26
CA LEU A 399 10.39 -1.59 -12.94
C LEU A 399 11.31 -1.56 -14.16
N LYS A 400 12.14 -0.53 -14.27
CA LYS A 400 13.24 -0.48 -15.21
C LYS A 400 14.53 -0.30 -14.41
N LYS A 401 15.50 -1.20 -14.64
CA LYS A 401 16.78 -1.12 -13.93
C LYS A 401 17.63 0.04 -14.44
N ILE A 402 18.10 0.86 -13.50
CA ILE A 402 19.05 1.92 -13.77
C ILE A 402 20.49 1.48 -13.39
N PHE A 403 20.64 0.90 -12.20
CA PHE A 403 21.93 0.43 -11.68
C PHE A 403 21.82 -0.83 -10.84
N ASP A 404 22.61 -1.86 -11.14
CA ASP A 404 22.42 -3.10 -10.39
C ASP A 404 22.94 -3.06 -8.95
N GLY A 405 23.96 -2.25 -8.68
CA GLY A 405 24.60 -2.20 -7.37
C GLY A 405 24.83 -3.60 -6.82
N TYR A 406 24.39 -3.82 -5.59
CA TYR A 406 24.68 -5.04 -4.83
C TYR A 406 24.15 -6.30 -5.52
N GLU A 407 23.16 -6.10 -6.39
CA GLU A 407 22.51 -7.20 -7.11
C GLU A 407 23.49 -7.92 -8.05
N LYS A 408 24.64 -7.33 -8.38
CA LYS A 408 25.66 -8.06 -9.15
C LYS A 408 26.18 -9.30 -8.41
N VAL A 409 26.12 -9.23 -7.08
CA VAL A 409 26.54 -10.32 -6.19
C VAL A 409 25.39 -11.08 -5.53
N TRP A 410 24.42 -10.38 -4.94
CA TRP A 410 23.25 -10.97 -4.27
C TRP A 410 22.15 -11.00 -5.34
N LYS A 411 22.16 -12.10 -6.06
CA LYS A 411 21.42 -12.17 -7.32
C LYS A 411 19.90 -12.06 -7.06
N THR A 412 19.33 -11.12 -7.81
CA THR A 412 17.95 -10.67 -7.61
C THR A 412 17.24 -10.51 -8.98
N GLU A 413 16.07 -11.14 -9.10
CA GLU A 413 15.25 -10.99 -10.30
C GLU A 413 14.05 -10.19 -9.81
N ARG A 414 13.68 -9.17 -10.57
CA ARG A 414 12.54 -8.33 -10.24
C ARG A 414 11.66 -8.28 -11.47
N ASN A 415 10.45 -7.75 -11.27
CA ASN A 415 9.54 -7.52 -12.38
C ASN A 415 9.88 -6.34 -13.28
N THR A 416 10.78 -6.58 -14.22
CA THR A 416 11.20 -5.54 -15.14
C THR A 416 10.43 -5.59 -16.45
N GLY A 417 10.45 -4.43 -17.09
CA GLY A 417 9.81 -4.22 -18.37
C GLY A 417 9.67 -2.76 -18.72
N GLU A 418 8.74 -2.54 -19.64
CA GLU A 418 8.53 -1.25 -20.28
C GLU A 418 7.06 -0.81 -20.27
N PHE A 419 6.81 0.48 -20.02
CA PHE A 419 5.47 1.04 -20.09
C PHE A 419 5.56 2.26 -21.00
N PRO A 420 5.46 2.07 -22.31
CA PRO A 420 5.64 3.22 -23.21
C PRO A 420 4.41 4.17 -23.35
N PHE A 421 3.28 3.66 -22.89
CA PHE A 421 1.99 4.36 -22.95
C PHE A 421 1.91 5.59 -22.07
N GLU A 422 1.08 6.55 -22.46
CA GLU A 422 0.80 7.72 -21.64
C GLU A 422 -0.66 7.74 -21.20
N GLU A 423 -0.89 8.49 -20.12
CA GLU A 423 -2.25 8.82 -19.68
C GLU A 423 -3.20 9.24 -20.79
N GLY A 424 -4.34 8.54 -20.89
CA GLY A 424 -5.33 8.81 -21.92
C GLY A 424 -5.20 7.97 -23.17
N GLU A 425 -4.08 7.28 -23.35
CA GLU A 425 -3.88 6.42 -24.52
C GLU A 425 -4.70 5.13 -24.39
N SER A 426 -5.31 4.67 -25.47
CA SER A 426 -5.95 3.34 -25.50
C SER A 426 -4.92 2.27 -25.82
N VAL A 427 -5.10 1.09 -25.21
CA VAL A 427 -4.25 -0.09 -25.31
C VAL A 427 -5.10 -1.24 -25.84
N LYS A 428 -4.68 -1.83 -26.96
CA LYS A 428 -5.39 -2.91 -27.64
C LYS A 428 -4.34 -3.67 -28.48
N PRO A 429 -4.36 -5.01 -28.45
CA PRO A 429 -5.23 -5.91 -27.72
C PRO A 429 -4.83 -6.08 -26.25
N VAL A 430 -5.87 -6.47 -25.52
CA VAL A 430 -5.75 -6.87 -24.11
C VAL A 430 -6.42 -8.24 -24.00
N VAL A 431 -5.82 -9.11 -23.20
CA VAL A 431 -6.31 -10.45 -22.86
C VAL A 431 -6.57 -10.55 -21.34
N VAL A 432 -7.78 -10.95 -20.99
CA VAL A 432 -8.26 -11.05 -19.60
C VAL A 432 -8.13 -12.51 -19.13
N LYS A 433 -7.61 -12.72 -17.91
CA LYS A 433 -7.56 -14.07 -17.35
C LYS A 433 -8.31 -14.08 -16.03
N ILE A 434 -9.30 -14.94 -15.91
CA ILE A 434 -10.12 -15.04 -14.70
C ILE A 434 -9.80 -16.41 -14.14
N GLU A 435 -9.49 -16.45 -12.85
CA GLU A 435 -9.11 -17.68 -12.18
C GLU A 435 -9.79 -17.78 -10.81
N GLU A 436 -10.57 -18.84 -10.64
CA GLU A 436 -11.17 -19.16 -9.36
C GLU A 436 -10.08 -19.58 -8.39
N GLN A 437 -10.08 -18.93 -7.22
CA GLN A 437 -9.11 -19.21 -6.18
C GLN A 437 -9.79 -19.30 -4.81
N GLU A 438 -9.01 -19.67 -3.80
CA GLU A 438 -9.52 -19.85 -2.45
C GLU A 438 -8.44 -19.33 -1.54
N THR A 439 -8.84 -18.49 -0.59
CA THR A 439 -7.91 -18.01 0.43
C THR A 439 -7.27 -19.18 1.20
N LYS A 440 -6.03 -18.95 1.65
CA LYS A 440 -5.17 -19.94 2.29
C LYS A 440 -4.84 -19.52 3.73
N PRO A 441 -4.68 -20.53 4.62
CA PRO A 441 -4.20 -20.21 5.96
C PRO A 441 -2.70 -19.89 5.95
N LYS A 442 -2.19 -19.36 7.04
CA LYS A 442 -0.75 -19.10 7.14
C LYS A 442 -0.04 -20.43 6.98
N PRO A 443 1.18 -20.42 6.42
CA PRO A 443 1.88 -21.68 6.29
C PRO A 443 2.34 -22.19 7.66
N ARG A 444 2.59 -23.48 7.71
CA ARG A 444 3.32 -24.03 8.82
C ARG A 444 4.77 -23.53 8.80
N TYR A 445 5.37 -23.57 9.99
CA TYR A 445 6.80 -23.35 10.14
C TYR A 445 7.67 -24.39 9.47
N THR A 446 8.79 -23.90 8.95
CA THR A 446 9.92 -24.77 8.64
C THR A 446 10.92 -24.48 9.75
N GLU A 447 11.99 -25.27 9.80
CA GLU A 447 13.05 -24.98 10.77
C GLU A 447 13.51 -23.56 10.66
N GLY A 448 13.70 -23.10 9.43
CA GLY A 448 14.19 -21.76 9.21
C GLY A 448 13.21 -20.71 9.65
N SER A 449 11.93 -20.86 9.30
CA SER A 449 10.91 -19.87 9.66
C SER A 449 10.51 -19.87 11.15
N LEU A 450 10.72 -21.00 11.82
CA LEU A 450 10.54 -21.07 13.27
C LEU A 450 11.65 -20.26 13.95
N VAL A 451 12.88 -20.40 13.49
CA VAL A 451 13.97 -19.58 14.00
C VAL A 451 13.65 -18.08 13.80
N LYS A 452 13.11 -17.73 12.62
CA LYS A 452 12.66 -16.35 12.38
C LYS A 452 11.70 -15.81 13.44
N GLU A 453 10.70 -16.62 13.79
CA GLU A 453 9.71 -16.34 14.81
C GLU A 453 10.30 -16.28 16.24
N MET A 454 11.22 -17.19 16.56
CA MET A 454 11.87 -17.15 17.89
C MET A 454 12.64 -15.82 18.07
N GLU A 455 13.36 -15.40 17.06
CA GLU A 455 14.10 -14.13 17.07
C GLU A 455 13.11 -12.95 17.18
N ARG A 456 12.09 -12.98 16.35
CA ARG A 456 11.08 -11.93 16.36
C ARG A 456 10.54 -11.67 17.77
N LEU A 457 10.22 -12.74 18.48
CA LEU A 457 9.61 -12.67 19.79
C LEU A 457 10.53 -12.65 21.01
N GLY A 458 11.83 -12.69 20.79
CA GLY A 458 12.84 -12.64 21.86
C GLY A 458 13.01 -13.95 22.60
N ILE A 459 12.64 -15.06 21.95
CA ILE A 459 12.63 -16.41 22.53
C ILE A 459 13.91 -17.09 22.07
N GLY A 460 14.70 -17.68 22.95
CA GLY A 460 15.99 -18.24 22.44
C GLY A 460 17.04 -17.23 21.99
N ARG A 461 18.28 -17.69 21.85
CA ARG A 461 19.37 -16.77 21.51
C ARG A 461 20.26 -17.49 20.48
N PRO A 462 21.32 -16.82 19.98
CA PRO A 462 22.25 -17.54 19.06
C PRO A 462 22.73 -18.96 19.43
N SER A 463 22.99 -19.21 20.72
CA SER A 463 23.41 -20.49 21.24
C SER A 463 22.29 -21.48 21.30
N THR A 464 21.05 -21.03 21.26
CA THR A 464 19.94 -21.95 21.52
C THR A 464 18.84 -22.11 20.44
N TYR A 465 18.88 -21.40 19.32
CA TYR A 465 17.85 -21.57 18.30
C TYR A 465 17.85 -22.98 17.74
N ALA A 466 19.02 -23.43 17.28
CA ALA A 466 19.18 -24.73 16.65
C ALA A 466 19.02 -25.87 17.63
N SER A 467 19.69 -25.84 18.77
CA SER A 467 19.51 -26.91 19.73
C SER A 467 18.07 -27.04 20.27
N THR A 468 17.32 -25.94 20.34
CA THR A 468 15.92 -26.00 20.77
C THR A 468 15.07 -26.79 19.77
N ILE A 469 15.23 -26.45 18.49
CA ILE A 469 14.54 -27.12 17.40
C ILE A 469 14.90 -28.60 17.35
N LYS A 470 16.19 -28.89 17.38
CA LYS A 470 16.67 -30.28 17.35
C LYS A 470 16.06 -31.09 18.50
N LEU A 471 16.03 -30.50 19.68
CA LEU A 471 15.48 -31.15 20.86
C LEU A 471 13.99 -31.47 20.73
N LEU A 472 13.21 -30.51 20.23
CA LEU A 472 11.77 -30.72 20.01
C LEU A 472 11.53 -31.86 19.02
N LEU A 473 12.33 -31.92 17.95
CA LEU A 473 12.20 -33.02 16.98
C LEU A 473 12.60 -34.35 17.58
N ASN A 474 13.67 -34.35 18.37
CA ASN A 474 14.24 -35.58 18.93
C ASN A 474 13.37 -36.22 20.01
N ARG A 475 12.71 -35.40 20.81
CA ARG A 475 11.72 -35.83 21.79
C ARG A 475 10.39 -36.18 21.16
N GLY A 476 10.17 -35.94 19.88
CA GLY A 476 8.87 -36.26 19.32
C GLY A 476 7.76 -35.27 19.64
N TYR A 477 8.10 -34.08 20.13
CA TYR A 477 7.11 -33.06 20.47
C TYR A 477 6.56 -32.36 19.22
N ILE A 478 7.42 -32.26 18.23
CA ILE A 478 7.07 -31.83 16.88
C ILE A 478 7.67 -32.84 15.91
N LYS A 479 7.07 -32.84 14.73
CA LYS A 479 7.42 -33.77 13.68
C LYS A 479 7.52 -32.98 12.36
N LYS A 480 8.56 -33.30 11.59
CA LYS A 480 8.76 -32.75 10.26
C LYS A 480 8.25 -33.58 9.09
N ILE A 481 7.41 -32.99 8.25
CA ILE A 481 6.82 -33.67 7.09
C ILE A 481 6.95 -32.73 5.90
N ARG A 482 7.81 -33.11 4.96
CA ARG A 482 8.11 -32.38 3.73
C ARG A 482 8.51 -30.95 4.07
N GLY A 483 9.45 -30.88 5.01
CA GLY A 483 10.02 -29.65 5.51
C GLY A 483 9.19 -28.86 6.51
N TYR A 484 7.91 -29.21 6.69
CA TYR A 484 7.02 -28.47 7.59
C TYR A 484 6.93 -29.17 8.94
N LEU A 485 6.78 -28.34 9.97
CA LEU A 485 6.74 -28.75 11.38
C LEU A 485 5.30 -28.78 11.86
N TYR A 486 4.95 -29.91 12.47
CA TYR A 486 3.62 -30.19 13.03
C TYR A 486 3.77 -30.52 14.51
N PRO A 487 2.82 -30.06 15.34
CA PRO A 487 2.79 -30.58 16.70
C PRO A 487 2.23 -32.02 16.69
N THR A 488 2.57 -32.78 17.72
CA THR A 488 2.20 -34.17 17.84
C THR A 488 1.31 -34.35 19.06
N ILE A 489 0.82 -35.58 19.20
CA ILE A 489 0.05 -35.98 20.35
C ILE A 489 0.81 -35.69 21.63
N VAL A 490 2.04 -36.14 21.76
CA VAL A 490 2.71 -35.88 23.05
C VAL A 490 3.10 -34.42 23.27
N GLY A 491 3.51 -33.74 22.22
CA GLY A 491 3.79 -32.31 22.17
C GLY A 491 2.56 -31.54 22.64
N SER A 492 1.43 -31.79 21.97
CA SER A 492 0.17 -31.13 22.32
C SER A 492 -0.27 -31.38 23.76
N VAL A 493 -0.16 -32.62 24.22
CA VAL A 493 -0.60 -32.97 25.54
C VAL A 493 0.25 -32.37 26.65
N VAL A 494 1.57 -32.44 26.50
CA VAL A 494 2.54 -31.85 27.45
C VAL A 494 2.33 -30.33 27.48
N MET A 495 2.18 -29.73 26.32
CA MET A 495 2.01 -28.28 26.27
C MET A 495 0.74 -27.88 27.00
N ASP A 496 -0.34 -28.64 26.82
CA ASP A 496 -1.62 -28.38 27.41
C ASP A 496 -1.55 -28.48 28.94
N TYR A 497 -0.87 -29.50 29.45
CA TYR A 497 -0.63 -29.61 30.86
C TYR A 497 0.12 -28.38 31.42
N LEU A 498 1.23 -28.04 30.79
CA LEU A 498 1.99 -26.88 31.23
C LEU A 498 1.13 -25.61 31.21
N GLU A 499 0.36 -25.39 30.15
CA GLU A 499 -0.52 -24.23 30.12
C GLU A 499 -1.58 -24.20 31.20
N LYS A 500 -2.18 -25.36 31.49
CA LYS A 500 -3.22 -25.46 32.52
C LYS A 500 -2.70 -25.17 33.93
N LYS A 501 -1.55 -25.74 34.25
CA LYS A 501 -0.99 -25.64 35.58
C LYS A 501 0.08 -24.54 35.82
N TYR A 502 0.71 -24.03 34.75
CA TYR A 502 1.79 -23.03 34.85
C TYR A 502 1.55 -21.86 33.92
N SER A 503 0.31 -21.43 33.77
CA SER A 503 -0.05 -20.46 32.73
C SER A 503 0.96 -19.35 32.42
N ASP A 504 1.07 -18.37 33.32
CA ASP A 504 1.98 -17.23 33.23
C ASP A 504 3.45 -17.68 33.06
N VAL A 505 3.88 -18.62 33.89
CA VAL A 505 5.29 -19.02 33.95
C VAL A 505 5.84 -19.61 32.66
N VAL A 506 5.02 -20.34 31.91
CA VAL A 506 5.51 -20.89 30.63
C VAL A 506 5.08 -20.07 29.40
N SER A 507 4.44 -18.92 29.61
CA SER A 507 4.06 -18.10 28.48
C SER A 507 5.28 -17.69 27.64
N VAL A 508 5.01 -17.46 26.35
CA VAL A 508 6.02 -16.87 25.44
C VAL A 508 6.50 -15.55 26.03
N SER A 509 5.55 -14.77 26.54
CA SER A 509 5.84 -13.44 27.10
C SER A 509 6.80 -13.49 28.30
N PHE A 510 6.52 -14.35 29.28
CA PHE A 510 7.44 -14.51 30.42
C PHE A 510 8.82 -15.07 30.03
N THR A 511 8.89 -16.03 29.11
CA THR A 511 10.13 -16.57 28.60
C THR A 511 10.99 -15.50 27.91
N ALA A 512 10.40 -14.70 27.03
CA ALA A 512 11.11 -13.58 26.41
C ALA A 512 11.59 -12.51 27.39
N GLU A 513 10.79 -12.27 28.41
CA GLU A 513 11.14 -11.31 29.43
C GLU A 513 12.37 -11.77 30.22
N MET A 514 12.39 -13.04 30.61
CA MET A 514 13.59 -13.65 31.20
C MET A 514 14.85 -13.56 30.35
N GLU A 515 14.78 -13.90 29.07
CA GLU A 515 15.88 -13.67 28.12
C GLU A 515 16.37 -12.23 28.09
N LYS A 516 15.47 -11.26 28.00
CA LYS A 516 15.89 -9.86 28.12
C LYS A 516 16.63 -9.57 29.43
N ASP A 517 16.08 -10.08 30.52
CA ASP A 517 16.67 -9.95 31.84
C ASP A 517 18.09 -10.53 31.94
N LEU A 518 18.31 -11.73 31.41
CA LEU A 518 19.66 -12.34 31.35
C LEU A 518 20.66 -11.51 30.52
N ASP A 519 20.16 -10.88 29.45
CA ASP A 519 20.97 -9.94 28.67
C ASP A 519 21.35 -8.69 29.47
N GLU A 520 20.49 -8.17 30.33
CA GLU A 520 20.82 -7.04 31.17
C GLU A 520 21.81 -7.50 32.26
N VAL A 521 21.65 -8.72 32.79
CA VAL A 521 22.61 -9.31 33.73
C VAL A 521 23.99 -9.33 33.07
N GLU A 522 24.07 -9.78 31.82
CA GLU A 522 25.30 -9.80 31.03
C GLU A 522 25.97 -8.45 30.91
N GLN A 523 25.16 -7.41 30.66
CA GLN A 523 25.64 -6.03 30.57
C GLN A 523 25.92 -5.32 31.84
N GLY A 524 25.67 -6.00 32.97
CA GLY A 524 25.79 -5.36 34.27
C GLY A 524 24.70 -4.37 34.63
N LYS A 525 23.54 -4.51 34.03
CA LYS A 525 22.42 -3.59 34.21
C LYS A 525 21.26 -4.13 35.07
N LYS A 526 21.32 -5.40 35.44
CA LYS A 526 20.49 -6.00 36.49
C LYS A 526 21.34 -7.04 37.22
N THR A 527 20.83 -7.47 38.37
CA THR A 527 21.54 -8.43 39.22
C THR A 527 20.97 -9.83 39.05
N ASP A 528 21.84 -10.81 38.92
CA ASP A 528 21.45 -12.20 38.77
C ASP A 528 20.52 -12.64 39.90
N LYS A 529 20.90 -12.38 41.13
CA LYS A 529 20.08 -12.76 42.30
C LYS A 529 18.66 -12.19 42.30
N ILE A 530 18.50 -10.96 41.83
CA ILE A 530 17.18 -10.35 41.76
C ILE A 530 16.31 -11.07 40.74
N VAL A 531 16.90 -11.34 39.60
CA VAL A 531 16.24 -12.06 38.53
C VAL A 531 15.82 -13.46 39.01
N LEU A 532 16.71 -14.16 39.68
CA LEU A 532 16.44 -15.52 40.16
C LEU A 532 15.40 -15.54 41.28
N ARG A 533 15.52 -14.66 42.27
CA ARG A 533 14.55 -14.59 43.37
C ARG A 533 13.15 -14.34 42.85
N GLU A 534 13.07 -13.48 41.85
CA GLU A 534 11.80 -13.08 41.27
C GLU A 534 11.17 -14.24 40.49
N PHE A 535 11.97 -14.89 39.65
CA PHE A 535 11.52 -16.11 39.02
C PHE A 535 11.09 -17.19 40.02
N TYR A 536 11.92 -17.47 41.01
CA TYR A 536 11.58 -18.53 41.94
C TYR A 536 10.30 -18.30 42.76
N GLU A 537 10.01 -17.06 43.13
CA GLU A 537 8.73 -16.72 43.76
C GLU A 537 7.56 -17.14 42.88
N SER A 538 7.55 -16.62 41.66
CA SER A 538 6.57 -16.95 40.62
C SER A 538 6.36 -18.44 40.39
N PHE A 539 7.48 -19.13 40.14
CA PHE A 539 7.47 -20.57 39.96
C PHE A 539 6.98 -21.34 41.20
N SER A 540 7.56 -21.09 42.37
CA SER A 540 7.27 -21.89 43.55
C SER A 540 5.84 -21.70 44.07
N SER A 541 5.20 -20.59 43.72
CA SER A 541 3.83 -20.33 44.10
C SER A 541 2.84 -21.27 43.42
N VAL A 542 3.15 -21.68 42.19
CA VAL A 542 2.28 -22.55 41.39
C VAL A 542 2.73 -24.01 41.33
N PHE A 543 3.99 -24.30 41.65
CA PHE A 543 4.56 -25.63 41.40
C PHE A 543 4.06 -26.67 42.41
N ASP A 544 3.47 -27.74 41.86
CA ASP A 544 2.83 -28.84 42.60
C ASP A 544 3.49 -30.18 42.26
N ARG A 545 4.35 -30.66 43.17
CA ARG A 545 5.21 -31.81 42.86
C ARG A 545 4.47 -33.16 42.79
N ASN A 546 3.32 -33.24 43.44
CA ASN A 546 2.55 -34.46 43.53
C ASN A 546 1.42 -34.53 42.50
N ASP A 547 1.42 -33.65 41.50
CA ASP A 547 0.26 -33.58 40.60
C ASP A 547 0.16 -34.84 39.76
N ARG A 548 -1.03 -35.46 39.88
CA ARG A 548 -1.41 -36.73 39.26
C ARG A 548 -2.69 -36.49 38.46
N ILE A 549 -2.60 -36.67 37.14
CA ILE A 549 -3.71 -36.41 36.20
C ILE A 549 -4.10 -37.69 35.43
N VAL A 550 -5.32 -37.69 34.88
CA VAL A 550 -5.80 -38.73 33.95
C VAL A 550 -6.04 -38.11 32.54
N VAL A 551 -5.14 -38.33 31.57
CA VAL A 551 -5.32 -37.91 30.17
C VAL A 551 -6.69 -38.38 29.70
N ASP A 552 -7.54 -37.43 29.30
CA ASP A 552 -8.92 -37.73 28.89
C ASP A 552 -9.48 -36.56 28.09
N PHE A 553 -9.28 -36.59 26.77
CA PHE A 553 -9.77 -35.54 25.91
C PHE A 553 -10.86 -36.07 25.00
N PRO A 554 -11.86 -35.24 24.69
CA PRO A 554 -12.73 -35.55 23.58
C PRO A 554 -11.88 -35.40 22.31
N THR A 555 -12.35 -35.99 21.23
CA THR A 555 -11.59 -35.93 19.96
C THR A 555 -12.51 -35.64 18.78
N ASN A 556 -11.87 -35.46 17.63
CA ASN A 556 -12.55 -35.36 16.34
C ASN A 556 -12.69 -36.71 15.63
N GLN A 557 -12.36 -37.80 16.31
CA GLN A 557 -12.48 -39.16 15.76
C GLN A 557 -13.76 -39.83 16.23
N LYS A 558 -14.37 -40.61 15.34
CA LYS A 558 -15.63 -41.29 15.61
C LYS A 558 -15.41 -42.80 15.49
N CYS A 559 -16.13 -43.58 16.30
CA CYS A 559 -16.22 -45.03 16.12
C CYS A 559 -17.23 -45.38 15.05
N SER A 560 -17.15 -46.62 14.56
CA SER A 560 -18.10 -47.12 13.58
C SER A 560 -19.49 -47.34 14.16
N CYS A 561 -19.60 -47.55 15.47
CA CYS A 561 -20.89 -47.60 16.15
C CYS A 561 -21.60 -46.24 16.08
N GLY A 562 -20.83 -45.17 16.13
CA GLY A 562 -21.33 -43.81 15.89
C GLY A 562 -20.76 -42.82 16.89
N LYS A 563 -20.52 -43.34 18.09
CA LYS A 563 -20.01 -42.61 19.25
C LYS A 563 -18.67 -41.95 18.95
N GLU A 564 -18.48 -40.78 19.54
CA GLU A 564 -17.21 -40.12 19.41
C GLU A 564 -16.15 -40.83 20.27
N MET A 565 -14.90 -40.75 19.84
CA MET A 565 -13.81 -41.31 20.61
C MET A 565 -13.18 -40.28 21.56
N ARG A 566 -12.61 -40.79 22.65
CA ARG A 566 -11.86 -40.03 23.64
C ARG A 566 -10.40 -40.52 23.72
N LEU A 567 -9.46 -39.60 23.93
CA LEU A 567 -8.03 -39.93 24.06
C LEU A 567 -7.68 -40.26 25.51
N SER A 568 -7.07 -41.41 25.72
CA SER A 568 -6.60 -41.86 27.03
C SER A 568 -5.11 -42.18 26.95
N PHE A 569 -4.51 -42.47 28.09
CA PHE A 569 -3.10 -42.83 28.22
C PHE A 569 -2.96 -43.88 29.31
N GLY A 570 -2.27 -44.97 28.97
CA GLY A 570 -1.96 -46.08 29.88
C GLY A 570 -0.50 -46.50 29.87
N LYS A 571 -0.23 -47.75 30.27
CA LYS A 571 1.11 -48.32 30.31
C LYS A 571 1.71 -48.52 28.91
N TYR A 572 0.88 -48.81 27.92
CA TYR A 572 1.26 -48.92 26.51
C TYR A 572 1.13 -47.56 25.81
N GLY A 573 1.21 -46.44 26.54
CA GLY A 573 0.98 -45.11 25.95
C GLY A 573 -0.45 -44.72 25.56
N PHE A 574 -0.55 -43.75 24.64
CA PHE A 574 -1.82 -43.17 24.19
C PHE A 574 -2.70 -44.10 23.37
N TYR A 575 -4.00 -44.06 23.61
CA TYR A 575 -4.96 -44.76 22.78
C TYR A 575 -6.30 -44.05 22.68
N LEU A 576 -7.04 -44.39 21.63
CA LEU A 576 -8.42 -43.93 21.47
C LEU A 576 -9.41 -45.00 21.93
N LYS A 577 -10.58 -44.55 22.39
CA LYS A 577 -11.58 -45.43 22.95
C LYS A 577 -12.99 -44.89 22.77
N CYS A 578 -13.96 -45.77 22.60
CA CYS A 578 -15.36 -45.37 22.68
C CYS A 578 -16.23 -46.37 23.43
N GLU A 579 -17.43 -45.94 23.77
CA GLU A 579 -18.29 -46.69 24.68
C GLU A 579 -19.03 -47.81 23.91
N CYS A 580 -18.50 -48.26 22.76
CA CYS A 580 -19.03 -49.41 21.99
C CYS A 580 -18.10 -50.17 21.03
N GLY A 581 -17.11 -49.49 20.45
CA GLY A 581 -16.15 -50.12 19.53
C GLY A 581 -14.85 -50.52 20.19
N LYS A 582 -13.85 -50.86 19.37
CA LYS A 582 -12.56 -51.31 19.89
C LYS A 582 -11.62 -50.11 20.03
N THR A 583 -10.53 -50.32 20.76
CA THR A 583 -9.62 -49.26 21.07
C THR A 583 -8.51 -49.22 20.01
N ARG A 584 -8.37 -48.07 19.34
CA ARG A 584 -7.22 -47.83 18.44
C ARG A 584 -6.02 -47.28 19.20
N SER A 585 -4.87 -47.92 19.05
CA SER A 585 -3.65 -47.36 19.61
C SER A 585 -3.18 -46.16 18.76
N VAL A 586 -2.46 -45.22 19.38
CA VAL A 586 -1.88 -44.09 18.66
C VAL A 586 -0.43 -43.82 19.11
N LYS A 587 0.45 -43.59 18.13
CA LYS A 587 1.84 -43.22 18.44
C LYS A 587 1.99 -41.82 19.00
N ASN A 588 3.00 -41.67 19.86
CA ASN A 588 3.32 -40.39 20.51
C ASN A 588 3.54 -39.26 19.51
N ASP A 589 4.01 -39.59 18.31
CA ASP A 589 4.36 -38.58 17.31
C ASP A 589 3.41 -38.58 16.11
N GLU A 590 2.20 -39.05 16.34
CA GLU A 590 1.13 -38.81 15.40
C GLU A 590 0.79 -37.32 15.56
N ILE A 591 0.42 -36.67 14.47
CA ILE A 591 0.10 -35.26 14.45
C ILE A 591 -1.21 -34.96 15.14
N ALA A 592 -1.22 -33.91 15.96
CA ALA A 592 -2.39 -33.57 16.77
C ALA A 592 -2.34 -32.12 17.28
N VAL A 593 -3.50 -31.49 17.40
CA VAL A 593 -3.60 -30.15 17.98
C VAL A 593 -4.79 -30.17 18.93
N ILE A 594 -4.63 -29.51 20.08
CA ILE A 594 -5.70 -29.29 21.02
C ILE A 594 -6.27 -27.89 20.85
N ASP A 595 -7.57 -27.81 20.67
CA ASP A 595 -8.22 -26.52 20.56
C ASP A 595 -9.52 -26.61 21.36
N ASP A 596 -9.70 -25.63 22.25
CA ASP A 596 -10.87 -25.60 23.15
C ASP A 596 -11.10 -26.94 23.87
N GLY A 597 -10.03 -27.56 24.36
CA GLY A 597 -10.18 -28.78 25.17
C GLY A 597 -10.41 -30.06 24.39
N LYS A 598 -10.48 -29.97 23.05
CA LYS A 598 -10.67 -31.12 22.15
C LYS A 598 -9.39 -31.36 21.32
N ILE A 599 -8.98 -32.62 21.21
CA ILE A 599 -7.80 -33.02 20.46
C ILE A 599 -8.22 -33.40 19.02
N PHE A 600 -7.59 -32.73 18.06
CA PHE A 600 -7.84 -32.92 16.63
C PHE A 600 -6.68 -33.72 16.04
N LEU A 601 -6.98 -34.93 15.61
CA LEU A 601 -6.00 -35.80 14.95
C LEU A 601 -5.99 -35.61 13.42
N LYS B 7 -11.01 52.12 -36.43
CA LYS B 7 -10.70 50.75 -35.92
C LYS B 7 -11.85 50.22 -35.04
N TYR B 8 -12.43 49.06 -35.36
CA TYR B 8 -13.63 48.61 -34.65
C TYR B 8 -13.38 47.23 -34.05
N ILE B 9 -13.78 47.06 -32.80
CA ILE B 9 -13.63 45.78 -32.16
C ILE B 9 -15.01 45.27 -31.80
N VAL B 10 -15.28 43.99 -32.06
CA VAL B 10 -16.59 43.43 -31.74
C VAL B 10 -16.46 42.27 -30.78
N VAL B 11 -17.27 42.36 -29.74
CA VAL B 11 -17.42 41.36 -28.71
C VAL B 11 -18.90 40.95 -28.59
N GLU B 12 -19.12 39.86 -27.85
CA GLU B 12 -20.47 39.40 -27.68
C GLU B 12 -21.16 40.13 -26.51
N SER B 13 -20.45 40.47 -25.46
CA SER B 13 -21.11 41.01 -24.28
C SER B 13 -20.72 42.43 -23.91
N PRO B 14 -21.67 43.17 -23.34
CA PRO B 14 -21.42 44.54 -22.90
C PRO B 14 -20.35 44.57 -21.82
N ALA B 15 -20.20 43.54 -20.98
CA ALA B 15 -19.16 43.57 -19.93
C ALA B 15 -17.74 43.58 -20.52
N LYS B 16 -17.56 42.74 -21.52
CA LYS B 16 -16.32 42.64 -22.30
C LYS B 16 -16.08 43.96 -23.01
N ALA B 17 -17.12 44.50 -23.62
CA ALA B 17 -16.98 45.73 -24.36
C ALA B 17 -16.50 46.85 -23.47
N LYS B 18 -17.12 47.02 -22.32
CA LYS B 18 -16.74 48.04 -21.34
C LYS B 18 -15.28 47.88 -20.89
N THR B 19 -14.89 46.67 -20.52
CA THR B 19 -13.53 46.38 -20.07
C THR B 19 -12.49 46.66 -21.19
N ILE B 20 -12.78 46.20 -22.41
CA ILE B 20 -11.84 46.47 -23.50
C ILE B 20 -11.76 47.97 -23.81
N LYS B 21 -12.88 48.67 -23.80
CA LYS B 21 -12.90 50.11 -24.05
C LYS B 21 -12.09 50.87 -22.99
N SER B 22 -12.19 50.45 -21.74
CA SER B 22 -11.39 51.07 -20.66
C SER B 22 -9.87 50.99 -20.95
N ILE B 23 -9.44 49.92 -21.60
CA ILE B 23 -8.04 49.69 -21.91
C ILE B 23 -7.58 50.48 -23.14
N LEU B 24 -8.35 50.47 -24.22
CA LEU B 24 -7.95 51.08 -25.50
C LEU B 24 -8.34 52.56 -25.64
N GLY B 25 -9.39 53.01 -24.95
CA GLY B 25 -9.84 54.39 -25.12
C GLY B 25 -10.38 54.74 -26.49
N ASN B 26 -9.96 55.88 -27.04
CA ASN B 26 -10.48 56.42 -28.31
C ASN B 26 -9.73 55.94 -29.57
N GLU B 27 -8.64 55.19 -29.39
CA GLU B 27 -7.92 54.52 -30.48
C GLU B 27 -8.90 53.58 -31.28
N TYR B 28 -9.76 52.88 -30.54
CA TYR B 28 -10.73 51.91 -31.09
C TYR B 28 -12.16 52.23 -30.67
N GLU B 29 -13.11 51.88 -31.52
CA GLU B 29 -14.53 51.83 -31.18
C GLU B 29 -14.84 50.35 -30.82
N VAL B 30 -15.56 50.13 -29.73
CA VAL B 30 -15.83 48.78 -29.23
C VAL B 30 -17.35 48.57 -29.25
N PHE B 31 -17.80 47.46 -29.84
CA PHE B 31 -19.21 47.24 -30.15
C PHE B 31 -19.56 45.83 -29.62
N ALA B 32 -20.65 45.72 -28.86
CA ALA B 32 -21.17 44.45 -28.37
C ALA B 32 -22.34 43.99 -29.24
N SER B 33 -22.30 42.78 -29.78
CA SER B 33 -23.46 42.22 -30.49
C SER B 33 -24.63 41.77 -29.62
N MET B 34 -24.38 41.56 -28.32
CA MET B 34 -25.35 41.05 -27.34
C MET B 34 -25.72 39.64 -27.70
N GLY B 35 -24.71 38.79 -27.79
CA GLY B 35 -24.86 37.38 -28.06
C GLY B 35 -24.83 37.12 -29.54
N HIS B 36 -25.31 35.91 -29.85
CA HIS B 36 -25.30 35.33 -31.19
C HIS B 36 -26.13 36.13 -32.16
N ILE B 37 -25.67 36.20 -33.41
CA ILE B 37 -26.40 36.87 -34.50
C ILE B 37 -26.96 35.89 -35.53
N ILE B 38 -26.30 34.76 -35.68
CA ILE B 38 -26.64 33.81 -36.72
C ILE B 38 -26.71 32.44 -36.05
N ASP B 39 -27.60 31.61 -36.55
CA ASP B 39 -27.71 30.22 -36.08
C ASP B 39 -28.42 29.34 -37.10
N LEU B 40 -28.37 28.02 -36.86
CA LEU B 40 -29.15 27.03 -37.59
C LEU B 40 -30.64 27.33 -37.40
N PRO B 41 -31.51 27.01 -38.38
CA PRO B 41 -32.93 27.34 -38.26
C PRO B 41 -33.58 26.83 -36.96
N LYS B 42 -34.46 27.65 -36.40
CA LYS B 42 -35.00 27.34 -35.08
C LYS B 42 -35.94 26.11 -35.07
N SER B 43 -36.74 25.95 -36.12
CA SER B 43 -37.75 24.90 -36.17
C SER B 43 -37.48 23.81 -37.22
N LYS B 44 -36.80 24.19 -38.30
CA LYS B 44 -36.28 23.24 -39.26
C LYS B 44 -35.04 22.52 -38.69
N PHE B 45 -34.82 21.34 -39.27
CA PHE B 45 -33.64 20.50 -39.02
C PHE B 45 -32.38 21.33 -39.37
N GLY B 46 -32.33 21.81 -40.62
CA GLY B 46 -31.29 22.73 -41.02
C GLY B 46 -29.92 22.13 -41.34
N VAL B 47 -29.92 20.86 -41.74
CA VAL B 47 -28.72 20.18 -42.19
C VAL B 47 -29.09 19.42 -43.45
N ASP B 48 -28.38 19.67 -44.56
CA ASP B 48 -28.66 18.94 -45.78
C ASP B 48 -27.82 17.67 -45.82
N LEU B 49 -28.43 16.57 -45.40
CA LEU B 49 -27.79 15.26 -45.46
C LEU B 49 -27.52 14.77 -46.88
N GLU B 50 -28.07 15.43 -47.89
CA GLU B 50 -27.81 15.03 -49.26
C GLU B 50 -26.49 15.58 -49.79
N LYS B 51 -26.04 16.68 -49.17
CA LYS B 51 -24.79 17.32 -49.58
C LYS B 51 -23.81 17.43 -48.41
N ASP B 52 -23.39 16.24 -47.98
CA ASP B 52 -22.33 16.05 -47.00
C ASP B 52 -22.46 16.98 -45.79
N PHE B 53 -23.64 17.00 -45.20
CA PHE B 53 -23.95 17.65 -43.91
C PHE B 53 -23.88 19.16 -43.95
N GLU B 54 -24.27 19.77 -45.08
CA GLU B 54 -24.22 21.22 -45.24
C GLU B 54 -25.21 21.90 -44.31
N PRO B 55 -24.73 22.73 -43.38
CA PRO B 55 -25.61 23.44 -42.47
C PRO B 55 -26.24 24.64 -43.15
N GLU B 56 -27.43 25.03 -42.68
CA GLU B 56 -28.15 26.21 -43.16
C GLU B 56 -28.18 27.23 -42.02
N PHE B 57 -27.74 28.44 -42.30
CA PHE B 57 -27.74 29.43 -41.26
C PHE B 57 -28.67 30.54 -41.64
N ALA B 58 -29.20 31.16 -40.60
CA ALA B 58 -30.04 32.33 -40.77
C ALA B 58 -29.80 33.28 -39.60
N VAL B 59 -30.01 34.57 -39.85
CA VAL B 59 -29.93 35.59 -38.81
C VAL B 59 -31.03 35.29 -37.79
N ILE B 60 -30.69 35.35 -36.51
CA ILE B 60 -31.62 35.17 -35.40
C ILE B 60 -32.58 36.37 -35.41
N LYS B 61 -33.86 36.09 -35.17
CA LYS B 61 -34.85 37.16 -35.19
C LYS B 61 -34.59 38.02 -33.97
N GLY B 62 -34.62 39.33 -34.17
CA GLY B 62 -34.21 40.26 -33.15
C GLY B 62 -32.84 40.82 -33.41
N LYS B 63 -32.06 40.17 -34.28
CA LYS B 63 -30.64 40.52 -34.50
C LYS B 63 -30.30 41.17 -35.85
N GLU B 64 -31.34 41.49 -36.61
CA GLU B 64 -31.20 42.08 -37.93
C GLU B 64 -30.43 43.40 -37.87
N LYS B 65 -30.73 44.24 -36.87
CA LYS B 65 -30.13 45.57 -36.79
C LYS B 65 -28.64 45.50 -36.41
N VAL B 66 -28.33 44.54 -35.55
CA VAL B 66 -26.95 44.24 -35.15
C VAL B 66 -26.14 43.84 -36.40
N VAL B 67 -26.68 42.89 -37.16
CA VAL B 67 -26.11 42.50 -38.47
C VAL B 67 -25.79 43.65 -39.39
N GLU B 68 -26.76 44.54 -39.63
CA GLU B 68 -26.59 45.70 -40.50
C GLU B 68 -25.55 46.67 -39.95
N LYS B 69 -25.53 46.86 -38.64
CA LYS B 69 -24.45 47.65 -38.04
C LYS B 69 -23.05 47.02 -38.28
N LEU B 70 -22.88 45.72 -38.06
CA LEU B 70 -21.61 45.04 -38.39
C LEU B 70 -21.14 45.26 -39.83
N LYS B 71 -22.05 45.06 -40.77
CA LYS B 71 -21.78 45.28 -42.17
C LYS B 71 -21.32 46.74 -42.46
N ASP B 72 -22.00 47.70 -41.83
CA ASP B 72 -21.64 49.10 -41.95
C ASP B 72 -20.26 49.44 -41.39
N LEU B 73 -19.98 48.97 -40.19
CA LEU B 73 -18.62 49.14 -39.61
C LEU B 73 -17.48 48.53 -40.44
N ALA B 74 -17.69 47.33 -40.98
CA ALA B 74 -16.71 46.67 -41.84
C ALA B 74 -16.37 47.48 -43.08
N LYS B 75 -17.32 48.26 -43.57
CA LYS B 75 -17.08 49.20 -44.67
C LYS B 75 -16.31 50.44 -44.23
N LYS B 76 -16.47 50.84 -42.97
CA LYS B 76 -15.82 52.02 -42.42
C LYS B 76 -14.35 51.82 -42.05
N GLY B 77 -13.99 50.74 -41.39
CA GLY B 77 -12.58 50.48 -41.11
C GLY B 77 -12.37 49.02 -40.82
N GLU B 78 -11.17 48.65 -40.38
CA GLU B 78 -10.90 47.27 -40.02
C GLU B 78 -11.81 46.88 -38.84
N LEU B 79 -12.43 45.72 -38.96
CA LEU B 79 -13.36 45.25 -37.97
C LEU B 79 -12.70 44.07 -37.31
N LEU B 80 -12.11 44.27 -36.13
CA LEU B 80 -11.50 43.22 -35.32
C LEU B 80 -12.51 42.46 -34.42
N ILE B 81 -12.30 41.15 -34.28
CA ILE B 81 -13.24 40.23 -33.65
C ILE B 81 -12.56 39.57 -32.42
N ALA B 82 -13.13 39.92 -31.28
CA ALA B 82 -12.57 39.59 -29.99
C ALA B 82 -13.53 38.73 -29.14
N SER B 83 -14.16 37.76 -29.79
CA SER B 83 -14.91 36.72 -29.11
C SER B 83 -13.94 35.92 -28.22
N ASP B 84 -14.53 35.19 -27.29
CA ASP B 84 -13.75 34.29 -26.46
C ASP B 84 -13.01 33.22 -27.28
N MET B 85 -11.92 32.74 -26.69
CA MET B 85 -10.98 31.91 -27.41
C MET B 85 -11.31 30.45 -27.57
N ASP B 86 -12.50 30.00 -27.18
CA ASP B 86 -12.86 28.61 -27.46
C ASP B 86 -13.50 28.33 -28.83
N ARG B 87 -13.88 27.07 -29.05
CA ARG B 87 -14.53 26.69 -30.30
C ARG B 87 -15.76 27.50 -30.67
N GLU B 88 -16.63 27.68 -29.70
CA GLU B 88 -17.84 28.46 -29.84
C GLU B 88 -17.54 29.92 -30.21
N GLY B 89 -16.52 30.49 -29.56
CA GLY B 89 -16.04 31.82 -29.87
C GLY B 89 -15.47 31.94 -31.26
N GLU B 90 -14.75 30.92 -31.69
CA GLU B 90 -14.25 30.87 -33.04
C GLU B 90 -15.35 30.87 -34.09
N ALA B 91 -16.42 30.10 -33.85
CA ALA B 91 -17.61 30.11 -34.67
C ALA B 91 -18.35 31.46 -34.66
N ILE B 92 -18.49 32.12 -33.52
CA ILE B 92 -18.98 33.48 -33.51
C ILE B 92 -18.15 34.39 -34.41
N ALA B 93 -16.82 34.31 -34.32
CA ALA B 93 -15.92 35.09 -35.19
C ALA B 93 -16.19 34.82 -36.67
N TRP B 94 -16.29 33.53 -37.01
CA TRP B 94 -16.61 33.09 -38.36
C TRP B 94 -17.93 33.67 -38.91
N HIS B 95 -19.01 33.59 -38.14
CA HIS B 95 -20.27 34.24 -38.52
C HIS B 95 -20.15 35.73 -38.86
N ILE B 96 -19.51 36.47 -37.97
CA ILE B 96 -19.25 37.90 -38.18
C ILE B 96 -18.40 38.17 -39.45
N ALA B 97 -17.30 37.45 -39.62
CA ALA B 97 -16.49 37.55 -40.82
C ALA B 97 -17.30 37.24 -42.08
N ARG B 98 -18.15 36.22 -42.03
CA ARG B 98 -18.87 35.84 -43.25
C ARG B 98 -19.91 36.88 -43.65
N VAL B 99 -20.67 37.36 -42.68
CA VAL B 99 -21.70 38.36 -43.00
C VAL B 99 -21.10 39.66 -43.47
N THR B 100 -19.91 39.96 -43.00
CA THR B 100 -19.25 41.20 -43.38
C THR B 100 -18.32 41.01 -44.58
N ASN B 101 -18.21 39.80 -45.09
CA ASN B 101 -17.35 39.46 -46.21
C ASN B 101 -15.88 39.77 -45.91
N THR B 102 -15.43 39.39 -44.72
CA THR B 102 -14.06 39.63 -44.27
C THR B 102 -13.29 38.37 -43.87
N LEU B 103 -13.83 37.22 -44.28
CA LEU B 103 -13.27 35.95 -43.85
C LEU B 103 -11.92 35.84 -44.54
N GLY B 104 -10.85 35.55 -43.79
CA GLY B 104 -9.52 35.35 -44.39
C GLY B 104 -8.59 36.52 -44.13
N ARG B 105 -9.15 37.66 -43.71
CA ARG B 105 -8.35 38.76 -43.23
C ARG B 105 -7.77 38.38 -41.86
N LYS B 106 -6.71 39.08 -41.46
CA LYS B 106 -6.21 38.92 -40.09
C LYS B 106 -7.05 39.86 -39.24
N ASN B 107 -8.16 39.34 -38.75
CA ASN B 107 -9.08 40.19 -37.99
C ASN B 107 -9.59 39.61 -36.68
N ARG B 108 -8.94 38.55 -36.19
CA ARG B 108 -9.44 37.83 -35.01
C ARG B 108 -8.37 37.97 -33.94
N ILE B 109 -8.78 38.55 -32.82
CA ILE B 109 -7.95 38.89 -31.64
C ILE B 109 -8.12 37.75 -30.62
N VAL B 110 -7.00 37.23 -30.11
CA VAL B 110 -6.95 36.08 -29.20
C VAL B 110 -6.22 36.42 -27.88
N PHE B 111 -6.89 36.15 -26.76
CA PHE B 111 -6.37 36.49 -25.45
C PHE B 111 -7.03 35.57 -24.40
N SER B 112 -6.29 35.31 -23.31
CA SER B 112 -6.80 34.55 -22.15
C SER B 112 -7.22 35.41 -21.00
N GLU B 113 -7.00 36.72 -21.11
CA GLU B 113 -7.33 37.65 -20.05
C GLU B 113 -7.53 39.04 -20.64
N ILE B 114 -8.38 39.81 -19.96
CA ILE B 114 -8.76 41.14 -20.43
C ILE B 114 -8.02 42.19 -19.58
N THR B 115 -6.70 42.24 -19.76
CA THR B 115 -5.86 43.16 -18.99
C THR B 115 -5.15 44.11 -19.94
N PRO B 116 -4.74 45.30 -19.45
CA PRO B 116 -4.03 46.29 -20.27
C PRO B 116 -2.87 45.69 -21.07
N ARG B 117 -1.90 45.06 -20.41
CA ARG B 117 -0.75 44.55 -21.16
C ARG B 117 -1.17 43.55 -22.27
N VAL B 118 -2.05 42.62 -21.95
CA VAL B 118 -2.42 41.56 -22.89
C VAL B 118 -3.31 42.05 -24.05
N ILE B 119 -4.34 42.83 -23.74
CA ILE B 119 -5.22 43.37 -24.78
C ILE B 119 -4.48 44.31 -25.76
N ARG B 120 -3.60 45.15 -25.22
CA ARG B 120 -2.84 46.09 -26.08
C ARG B 120 -1.93 45.36 -27.06
N GLU B 121 -1.36 44.23 -26.67
CA GLU B 121 -0.58 43.37 -27.56
C GLU B 121 -1.47 42.55 -28.50
N ALA B 122 -2.55 41.96 -28.00
CA ALA B 122 -3.44 41.13 -28.80
C ALA B 122 -4.03 41.91 -30.00
N VAL B 123 -4.42 43.17 -29.80
CA VAL B 123 -4.93 44.04 -30.84
C VAL B 123 -3.92 44.33 -31.95
N LYS B 124 -2.63 44.30 -31.67
CA LYS B 124 -1.64 44.50 -32.73
C LYS B 124 -1.27 43.18 -33.43
N ASN B 125 -1.75 42.06 -32.93
CA ASN B 125 -1.41 40.75 -33.48
C ASN B 125 -2.64 39.93 -33.86
N PRO B 126 -3.53 40.50 -34.69
CA PRO B 126 -4.69 39.71 -35.07
C PRO B 126 -4.25 38.62 -36.00
N ARG B 127 -5.07 37.58 -36.04
CA ARG B 127 -4.84 36.45 -36.89
C ARG B 127 -6.09 36.15 -37.70
N GLU B 128 -5.89 35.25 -38.65
CA GLU B 128 -6.93 34.74 -39.48
C GLU B 128 -7.81 33.80 -38.61
N ILE B 129 -9.08 33.68 -38.97
CA ILE B 129 -9.98 32.74 -38.33
C ILE B 129 -9.51 31.30 -38.60
N ASP B 130 -9.52 30.50 -37.53
CA ASP B 130 -9.13 29.09 -37.53
C ASP B 130 -10.29 28.21 -37.96
N MET B 131 -10.36 27.90 -39.23
CA MET B 131 -11.44 27.09 -39.82
C MET B 131 -11.52 25.65 -39.30
N LYS B 132 -10.40 25.05 -38.87
CA LYS B 132 -10.39 23.74 -38.26
C LYS B 132 -11.18 23.73 -36.94
N LYS B 133 -10.90 24.76 -36.16
CA LYS B 133 -11.62 24.98 -34.98
C LYS B 133 -13.11 25.33 -35.20
N VAL B 134 -13.42 26.14 -36.23
CA VAL B 134 -14.79 26.39 -36.62
C VAL B 134 -15.52 25.09 -36.95
N ARG B 135 -14.87 24.26 -37.75
CA ARG B 135 -15.46 23.01 -38.24
C ARG B 135 -15.74 22.02 -37.10
N ALA B 136 -14.91 22.07 -36.06
CA ALA B 136 -15.15 21.26 -34.88
C ALA B 136 -16.41 21.69 -34.15
N GLN B 137 -16.62 22.99 -33.99
CA GLN B 137 -17.85 23.54 -33.38
C GLN B 137 -19.05 23.16 -34.23
N LEU B 138 -18.96 23.34 -35.53
CA LEU B 138 -20.05 23.09 -36.46
C LEU B 138 -20.42 21.60 -36.50
N ALA B 139 -19.41 20.72 -36.46
CA ALA B 139 -19.67 19.30 -36.37
C ALA B 139 -20.38 18.92 -35.05
N ARG B 140 -20.00 19.51 -33.93
CA ARG B 140 -20.73 19.30 -32.67
C ARG B 140 -22.20 19.74 -32.79
N ARG B 141 -22.43 20.91 -33.38
CA ARG B 141 -23.80 21.40 -33.56
C ARG B 141 -24.63 20.49 -34.45
N ILE B 142 -23.98 19.99 -35.52
CA ILE B 142 -24.63 19.07 -36.45
C ILE B 142 -24.99 17.72 -35.79
N LEU B 143 -24.03 17.13 -35.09
CA LEU B 143 -24.27 15.88 -34.35
C LEU B 143 -25.42 16.04 -33.33
N ASP B 144 -25.38 17.11 -32.55
CA ASP B 144 -26.46 17.35 -31.57
C ASP B 144 -27.86 17.51 -32.21
N ARG B 145 -27.89 18.12 -33.38
CA ARG B 145 -29.11 18.36 -34.13
C ARG B 145 -29.65 17.05 -34.72
N ILE B 146 -28.76 16.25 -35.30
CA ILE B 146 -29.12 14.93 -35.81
C ILE B 146 -29.75 14.10 -34.68
N VAL B 147 -29.10 14.04 -33.53
CA VAL B 147 -29.57 13.20 -32.43
C VAL B 147 -30.87 13.78 -31.88
N GLY B 148 -30.89 15.08 -31.68
CA GLY B 148 -32.02 15.76 -31.07
C GLY B 148 -33.27 15.72 -31.91
N TYR B 149 -33.17 16.08 -33.19
CA TYR B 149 -34.34 16.08 -34.05
C TYR B 149 -34.84 14.70 -34.43
N SER B 150 -33.98 13.69 -34.33
CA SER B 150 -34.38 12.31 -34.55
C SER B 150 -35.10 11.75 -33.32
N LEU B 151 -34.46 11.90 -32.15
CA LEU B 151 -34.93 11.25 -30.93
C LEU B 151 -35.99 12.00 -30.14
N SER B 152 -35.94 13.32 -30.12
CA SER B 152 -36.90 14.09 -29.32
C SER B 152 -38.36 13.94 -29.79
N PRO B 153 -38.58 13.76 -31.11
CA PRO B 153 -39.94 13.36 -31.50
C PRO B 153 -40.39 12.01 -30.94
N VAL B 154 -39.51 11.02 -30.95
CA VAL B 154 -39.88 9.66 -30.52
C VAL B 154 -39.98 9.54 -28.98
N LEU B 155 -39.16 10.32 -28.27
CA LEU B 155 -39.25 10.41 -26.81
C LEU B 155 -40.49 11.17 -26.34
N TRP B 156 -40.96 12.11 -27.17
CA TRP B 156 -42.16 12.89 -26.89
C TRP B 156 -43.39 12.01 -27.07
N ARG B 157 -43.43 11.30 -28.18
CA ARG B 157 -44.44 10.27 -28.45
C ARG B 157 -44.62 9.29 -27.28
N ASN B 158 -43.51 8.79 -26.73
CA ASN B 158 -43.59 7.70 -25.74
C ASN B 158 -43.54 8.04 -24.24
N PHE B 159 -42.81 9.08 -23.86
CA PHE B 159 -42.66 9.48 -22.46
C PHE B 159 -42.80 10.98 -22.20
N LYS B 160 -43.44 11.73 -23.12
CA LYS B 160 -43.41 13.20 -23.14
C LYS B 160 -42.08 13.83 -22.64
N SER B 161 -40.99 13.47 -23.31
CA SER B 161 -39.61 13.85 -22.95
C SER B 161 -38.69 14.22 -24.13
N ASN B 162 -37.50 14.72 -23.81
CA ASN B 162 -36.50 15.25 -24.76
C ASN B 162 -35.16 14.49 -24.72
N LEU B 163 -34.32 14.73 -25.73
CA LEU B 163 -32.87 14.56 -25.61
C LEU B 163 -32.16 15.67 -26.42
N SER B 164 -32.26 16.90 -25.90
CA SER B 164 -31.73 18.10 -26.57
C SER B 164 -30.20 18.19 -26.59
N ALA B 165 -29.52 18.21 -25.44
CA ALA B 165 -28.03 18.36 -25.40
C ALA B 165 -27.22 17.06 -25.71
N GLY B 166 -27.87 16.31 -26.61
CA GLY B 166 -27.39 15.10 -27.26
C GLY B 166 -26.81 13.92 -26.48
N ARG B 167 -25.76 13.38 -27.05
CA ARG B 167 -25.15 12.23 -26.44
C ARG B 167 -24.39 12.54 -25.16
N VAL B 168 -23.85 13.74 -24.98
CA VAL B 168 -23.15 14.00 -23.72
C VAL B 168 -24.10 13.93 -22.51
N GLN B 169 -25.29 14.52 -22.72
CA GLN B 169 -26.42 14.48 -21.79
C GLN B 169 -26.80 13.03 -21.45
N SER B 170 -27.03 12.21 -22.46
CA SER B 170 -27.37 10.83 -22.23
C SER B 170 -26.24 10.00 -21.64
N ALA B 171 -24.98 10.17 -22.04
CA ALA B 171 -23.83 9.50 -21.41
C ALA B 171 -23.68 9.80 -19.90
N THR B 172 -23.98 11.05 -19.52
CA THR B 172 -23.92 11.55 -18.16
C THR B 172 -25.04 11.03 -17.29
N LEU B 173 -26.23 10.94 -17.86
CA LEU B 173 -27.36 10.25 -17.26
C LEU B 173 -27.03 8.77 -16.98
N LYS B 174 -26.43 8.10 -17.97
CA LYS B 174 -26.00 6.71 -17.78
C LYS B 174 -25.08 6.55 -16.57
N LEU B 175 -24.09 7.42 -16.39
CA LEU B 175 -23.16 7.35 -15.24
C LEU B 175 -23.93 7.36 -13.93
N VAL B 176 -24.92 8.22 -13.82
CA VAL B 176 -25.72 8.34 -12.60
C VAL B 176 -26.56 7.09 -12.38
N CYS B 177 -27.20 6.58 -13.44
CA CYS B 177 -27.94 5.32 -13.36
C CYS B 177 -27.06 4.12 -13.01
N ASP B 178 -25.86 4.05 -13.60
CA ASP B 178 -24.94 2.93 -13.31
C ASP B 178 -24.50 2.99 -11.84
N ARG B 179 -24.21 4.18 -11.32
CA ARG B 179 -23.85 4.32 -9.91
C ARG B 179 -24.98 3.84 -8.98
N GLU B 180 -26.22 4.20 -9.35
CA GLU B 180 -27.36 3.85 -8.53
C GLU B 180 -27.52 2.34 -8.48
N ARG B 181 -27.33 1.65 -9.61
CA ARG B 181 -27.29 0.18 -9.65
C ARG B 181 -26.19 -0.47 -8.79
N GLU B 182 -24.98 0.09 -8.82
CA GLU B 182 -23.93 -0.31 -7.91
C GLU B 182 -24.36 -0.26 -6.42
N ILE B 183 -25.07 0.79 -6.01
CA ILE B 183 -25.54 0.99 -4.63
C ILE B 183 -26.66 -0.02 -4.36
N LEU B 184 -27.63 -0.10 -5.26
CA LEU B 184 -28.73 -1.05 -5.17
C LEU B 184 -28.24 -2.47 -4.89
N ARG B 185 -27.23 -2.88 -5.63
CA ARG B 185 -26.75 -4.23 -5.64
C ARG B 185 -25.74 -4.55 -4.53
N PHE B 186 -25.26 -3.54 -3.82
CA PHE B 186 -24.25 -3.72 -2.79
C PHE B 186 -24.75 -4.48 -1.58
N VAL B 187 -23.97 -5.44 -1.11
CA VAL B 187 -24.33 -6.22 0.10
C VAL B 187 -23.32 -5.88 1.22
N PRO B 188 -23.75 -5.15 2.25
CA PRO B 188 -22.87 -4.73 3.34
C PRO B 188 -22.40 -5.93 4.17
N LYS B 189 -21.15 -5.83 4.63
CA LYS B 189 -20.50 -6.89 5.38
C LYS B 189 -20.11 -6.30 6.75
N LYS B 190 -20.39 -7.07 7.79
CA LYS B 190 -20.11 -6.62 9.14
C LYS B 190 -18.66 -7.02 9.45
N TYR B 191 -17.98 -6.12 10.16
CA TYR B 191 -16.62 -6.38 10.56
C TYR B 191 -16.29 -5.52 11.78
N HIS B 192 -15.15 -5.84 12.40
CA HIS B 192 -14.64 -5.01 13.51
C HIS B 192 -13.49 -4.09 13.09
N ARG B 193 -13.58 -2.82 13.44
CA ARG B 193 -12.47 -1.91 13.39
C ARG B 193 -11.75 -1.95 14.77
N ILE B 194 -10.46 -2.33 14.74
CA ILE B 194 -9.69 -2.46 16.00
C ILE B 194 -8.46 -1.57 15.90
N THR B 195 -8.42 -0.59 16.82
CA THR B 195 -7.33 0.38 16.94
C THR B 195 -6.73 0.30 18.35
N VAL B 196 -5.42 0.51 18.41
CA VAL B 196 -4.66 0.66 19.67
C VAL B 196 -4.23 2.12 19.74
N ASN B 197 -4.30 2.67 20.95
CA ASN B 197 -4.05 4.09 21.21
C ASN B 197 -3.00 4.16 22.31
N PHE B 198 -1.98 4.98 22.08
CA PHE B 198 -0.86 5.20 23.01
C PHE B 198 -0.19 6.54 22.65
N ASP B 199 0.17 7.38 23.62
CA ASP B 199 1.00 8.57 23.36
C ASP B 199 0.64 9.50 22.20
N GLY B 200 -0.65 9.71 22.02
CA GLY B 200 -1.14 10.46 20.87
C GLY B 200 -1.07 9.75 19.53
N LEU B 201 -0.73 8.47 19.53
CA LEU B 201 -0.53 7.71 18.32
C LEU B 201 -1.66 6.69 18.27
N THR B 202 -1.91 6.22 17.05
CA THR B 202 -2.87 5.14 16.84
C THR B 202 -2.28 4.16 15.82
N ALA B 203 -2.74 2.90 15.91
CA ALA B 203 -2.44 1.86 14.94
C ALA B 203 -3.66 0.96 14.82
N GLU B 204 -3.82 0.39 13.64
CA GLU B 204 -4.94 -0.51 13.30
C GLU B 204 -4.48 -1.95 13.27
N ILE B 205 -5.33 -2.88 13.69
CA ILE B 205 -4.99 -4.29 13.70
C ILE B 205 -4.63 -4.72 12.27
N ASP B 206 -3.66 -5.61 12.17
CA ASP B 206 -3.11 -6.04 10.91
C ASP B 206 -3.83 -7.34 10.53
N VAL B 207 -4.69 -7.29 9.52
CA VAL B 207 -5.44 -8.43 9.03
C VAL B 207 -5.43 -8.32 7.51
N LYS B 208 -5.61 -9.44 6.85
CA LYS B 208 -5.58 -9.45 5.38
C LYS B 208 -6.83 -8.83 4.77
N GLU B 209 -7.96 -9.18 5.38
CA GLU B 209 -9.25 -8.59 5.02
C GLU B 209 -10.05 -8.21 6.25
N LYS B 210 -11.09 -7.43 6.01
CA LYS B 210 -12.02 -7.01 7.02
C LYS B 210 -12.66 -8.25 7.62
N LYS B 211 -12.69 -8.26 8.95
CA LYS B 211 -13.04 -9.45 9.69
C LYS B 211 -13.99 -9.13 10.83
N PHE B 212 -14.96 -10.02 11.01
CA PHE B 212 -15.83 -9.98 12.15
C PHE B 212 -15.34 -11.06 13.11
N PHE B 213 -14.74 -10.62 14.21
CA PHE B 213 -14.09 -11.51 15.18
C PHE B 213 -15.07 -12.12 16.14
N ASP B 214 -14.77 -13.36 16.58
CA ASP B 214 -15.61 -14.02 17.58
C ASP B 214 -15.45 -13.41 18.98
N ALA B 215 -16.39 -13.74 19.84
CA ALA B 215 -16.52 -13.04 21.12
C ALA B 215 -15.33 -13.30 22.07
N GLU B 216 -14.76 -14.50 21.99
CA GLU B 216 -13.57 -14.86 22.79
C GLU B 216 -12.34 -14.14 22.25
N THR B 217 -12.26 -14.03 20.92
CA THR B 217 -11.11 -13.37 20.29
C THR B 217 -11.14 -11.89 20.66
N LEU B 218 -12.32 -11.28 20.61
CA LEU B 218 -12.49 -9.89 20.99
C LEU B 218 -12.12 -9.59 22.43
N LYS B 219 -12.49 -10.48 23.34
CA LYS B 219 -12.11 -10.35 24.76
C LYS B 219 -10.59 -10.35 24.89
N GLU B 220 -9.93 -11.32 24.27
CA GLU B 220 -8.48 -11.39 24.25
C GLU B 220 -7.80 -10.12 23.73
N ILE B 221 -8.37 -9.55 22.67
CA ILE B 221 -7.79 -8.36 22.07
C ILE B 221 -8.03 -7.18 22.98
N GLN B 222 -9.24 -7.12 23.57
CA GLN B 222 -9.59 -5.98 24.39
C GLN B 222 -8.73 -5.97 25.65
N SER B 223 -8.25 -7.12 26.09
CA SER B 223 -7.36 -7.15 27.27
C SER B 223 -5.90 -6.73 27.05
N ILE B 224 -5.48 -6.51 25.82
CA ILE B 224 -4.13 -6.02 25.52
C ILE B 224 -3.84 -4.66 26.17
N ASP B 225 -2.80 -4.60 27.01
CA ASP B 225 -2.45 -3.33 27.63
C ASP B 225 -1.01 -2.87 27.36
N GLU B 226 -0.26 -3.70 26.64
CA GLU B 226 1.16 -3.49 26.35
C GLU B 226 1.50 -4.04 24.97
N LEU B 227 2.27 -3.30 24.19
CA LEU B 227 2.76 -3.75 22.89
C LEU B 227 4.29 -3.58 22.80
N VAL B 228 4.91 -4.29 21.87
CA VAL B 228 6.33 -4.19 21.55
C VAL B 228 6.49 -3.59 20.15
N VAL B 229 7.40 -2.64 19.98
CA VAL B 229 7.74 -2.15 18.65
C VAL B 229 8.47 -3.27 17.86
N GLU B 230 7.83 -3.69 16.77
CA GLU B 230 8.35 -4.73 15.89
C GLU B 230 9.15 -4.05 14.77
N GLU B 231 8.60 -3.02 14.16
CA GLU B 231 9.29 -2.33 13.07
C GLU B 231 9.10 -0.81 13.15
N LYS B 232 10.15 -0.07 12.81
CA LYS B 232 10.09 1.38 12.66
C LYS B 232 10.95 1.72 11.44
N LYS B 233 10.32 2.35 10.46
CA LYS B 233 10.98 2.83 9.25
C LYS B 233 10.67 4.32 9.11
N VAL B 234 11.73 5.13 9.07
CA VAL B 234 11.63 6.57 8.82
C VAL B 234 12.12 6.92 7.42
N SER B 235 11.33 7.66 6.66
CA SER B 235 11.68 8.09 5.32
C SER B 235 11.25 9.53 5.15
N VAL B 236 11.85 10.23 4.18
CA VAL B 236 11.41 11.58 3.79
C VAL B 236 10.29 11.49 2.81
N LYS B 237 9.27 12.32 3.03
CA LYS B 237 8.10 12.34 2.18
C LYS B 237 7.85 13.80 1.76
N LYS B 238 7.78 14.02 0.45
CA LYS B 238 7.42 15.31 -0.11
C LYS B 238 6.01 15.25 -0.68
N PHE B 239 5.30 16.37 -0.57
CA PHE B 239 3.96 16.51 -1.09
C PHE B 239 3.96 17.61 -2.11
N ALA B 240 3.44 17.27 -3.27
CA ALA B 240 3.41 18.20 -4.41
C ALA B 240 2.31 19.20 -4.17
N PRO B 241 2.56 20.46 -4.56
CA PRO B 241 1.47 21.44 -4.58
C PRO B 241 0.39 21.07 -5.58
N PRO B 242 -0.81 21.67 -5.43
CA PRO B 242 -1.97 21.54 -6.29
C PRO B 242 -1.50 22.12 -7.62
N GLU B 243 -2.00 21.60 -8.74
CA GLU B 243 -1.85 22.26 -10.02
C GLU B 243 -2.72 23.54 -10.03
N PRO B 244 -2.36 24.51 -10.87
CA PRO B 244 -3.25 25.60 -11.21
C PRO B 244 -4.60 25.07 -11.71
N PHE B 245 -5.68 25.77 -11.40
CA PHE B 245 -7.01 25.29 -11.81
C PHE B 245 -7.15 25.21 -13.34
N LYS B 246 -7.92 24.20 -13.76
CA LYS B 246 -8.60 24.21 -15.05
C LYS B 246 -10.12 24.10 -14.72
N THR B 247 -10.95 24.15 -15.74
CA THR B 247 -12.39 24.27 -15.60
C THR B 247 -12.88 23.13 -14.72
N SER B 248 -12.47 21.90 -15.00
CA SER B 248 -13.02 20.74 -14.28
C SER B 248 -12.64 20.82 -12.79
N THR B 249 -11.37 21.09 -12.51
CA THR B 249 -10.93 21.20 -11.09
C THR B 249 -11.49 22.40 -10.33
N LEU B 250 -11.64 23.54 -11.02
CA LEU B 250 -12.31 24.65 -10.44
C LEU B 250 -13.75 24.26 -10.05
N GLN B 251 -14.48 23.62 -10.98
CA GLN B 251 -15.86 23.27 -10.58
C GLN B 251 -15.96 22.27 -9.38
N GLN B 252 -15.08 21.28 -9.38
CA GLN B 252 -14.98 20.32 -8.27
C GLN B 252 -14.71 20.96 -6.90
N GLU B 253 -13.66 21.79 -6.83
CA GLU B 253 -13.19 22.44 -5.59
C GLU B 253 -14.11 23.52 -5.13
N ALA B 254 -14.67 24.30 -6.05
CA ALA B 254 -15.72 25.23 -5.67
C ALA B 254 -17.00 24.59 -5.07
N TYR B 255 -17.40 23.45 -5.59
CA TYR B 255 -18.51 22.67 -5.00
C TYR B 255 -18.11 22.15 -3.61
N SER B 256 -16.96 21.49 -3.52
CA SER B 256 -16.40 20.89 -2.28
C SER B 256 -16.21 21.90 -1.14
N LYS B 257 -15.66 23.06 -1.49
CA LYS B 257 -15.16 24.05 -0.56
C LYS B 257 -16.09 25.20 -0.33
N LEU B 258 -16.94 25.54 -1.30
CA LEU B 258 -17.81 26.69 -1.23
C LEU B 258 -19.28 26.40 -1.26
N GLY B 259 -19.68 25.20 -1.64
CA GLY B 259 -21.09 24.86 -1.82
C GLY B 259 -21.70 25.40 -3.09
N PHE B 260 -20.88 25.87 -4.04
CA PHE B 260 -21.41 26.41 -5.29
C PHE B 260 -21.73 25.30 -6.29
N SER B 261 -22.92 25.28 -6.87
CA SER B 261 -23.23 24.43 -8.03
C SER B 261 -22.24 24.75 -9.16
N VAL B 262 -21.99 23.82 -10.05
CA VAL B 262 -21.05 24.01 -11.15
C VAL B 262 -21.50 25.17 -12.08
N SER B 263 -22.81 25.32 -12.28
CA SER B 263 -23.37 26.45 -13.04
C SER B 263 -23.09 27.79 -12.37
N LYS B 264 -23.24 27.82 -11.05
CA LYS B 264 -23.00 29.06 -10.29
C LYS B 264 -21.51 29.36 -10.41
N THR B 265 -20.61 28.40 -10.19
CA THR B 265 -19.18 28.63 -10.37
C THR B 265 -18.86 29.27 -11.76
N MET B 266 -19.49 28.77 -12.81
CA MET B 266 -19.17 29.25 -14.15
C MET B 266 -19.69 30.61 -14.42
N MET B 267 -20.81 30.91 -13.80
CA MET B 267 -21.39 32.22 -13.96
C MET B 267 -20.55 33.31 -13.24
N ILE B 268 -20.17 33.03 -12.01
CA ILE B 268 -19.20 33.85 -11.26
C ILE B 268 -17.81 34.00 -11.96
N ALA B 269 -17.26 32.90 -12.42
CA ALA B 269 -16.00 32.87 -13.13
C ALA B 269 -16.11 33.79 -14.37
N GLN B 270 -17.20 33.68 -15.10
CA GLN B 270 -17.43 34.57 -16.25
C GLN B 270 -17.39 36.05 -15.92
N GLN B 271 -18.02 36.43 -14.82
CA GLN B 271 -18.04 37.80 -14.35
C GLN B 271 -16.60 38.26 -14.08
N LEU B 272 -15.84 37.39 -13.42
CA LEU B 272 -14.48 37.73 -12.97
C LEU B 272 -13.52 37.82 -14.16
N TYR B 273 -13.79 37.06 -15.20
CA TYR B 273 -13.03 37.12 -16.45
C TYR B 273 -13.37 38.29 -17.35
N GLU B 274 -14.68 38.59 -17.48
CA GLU B 274 -15.12 39.62 -18.44
C GLU B 274 -14.81 41.00 -17.96
N GLY B 275 -14.70 41.17 -16.65
CA GLY B 275 -14.42 42.45 -16.03
C GLY B 275 -15.63 42.94 -15.27
N VAL B 276 -15.38 43.26 -14.00
CA VAL B 276 -16.39 43.72 -13.09
C VAL B 276 -16.41 45.24 -13.13
N GLU B 277 -17.62 45.79 -13.21
CA GLU B 277 -17.86 47.22 -13.12
C GLU B 277 -17.75 47.63 -11.66
N THR B 278 -16.97 48.68 -11.47
CA THR B 278 -16.72 49.22 -10.16
C THR B 278 -17.31 50.64 -10.17
N LYS B 279 -17.25 51.30 -9.01
CA LYS B 279 -17.76 52.67 -8.93
C LYS B 279 -16.96 53.65 -9.85
N ASP B 280 -15.75 53.24 -10.25
CA ASP B 280 -14.79 54.03 -11.02
C ASP B 280 -14.43 53.50 -12.42
N GLY B 281 -14.59 52.21 -12.68
CA GLY B 281 -14.25 51.70 -14.01
C GLY B 281 -14.51 50.21 -14.05
N HIS B 282 -13.57 49.42 -14.57
CA HIS B 282 -13.73 48.00 -14.82
C HIS B 282 -12.44 47.25 -14.56
N ILE B 283 -12.56 46.15 -13.83
CA ILE B 283 -11.43 45.34 -13.45
C ILE B 283 -11.72 43.89 -13.80
N ALA B 284 -10.80 43.26 -14.54
CA ALA B 284 -10.80 41.81 -14.78
C ALA B 284 -9.99 41.17 -13.69
N PHE B 285 -10.47 40.06 -13.15
CA PHE B 285 -9.79 39.42 -12.02
C PHE B 285 -9.07 38.14 -12.31
N ILE B 286 -9.58 37.38 -13.29
CA ILE B 286 -9.09 36.06 -13.66
C ILE B 286 -9.03 35.91 -15.14
N THR B 287 -8.20 34.94 -15.52
CA THR B 287 -8.11 34.43 -16.86
C THR B 287 -9.35 33.61 -17.29
N TYR B 288 -9.39 33.34 -18.57
CA TYR B 288 -10.56 32.69 -19.16
C TYR B 288 -10.89 31.35 -18.50
N MET B 289 -12.21 31.18 -18.30
CA MET B 289 -12.78 30.13 -17.43
C MET B 289 -13.13 28.84 -18.10
N ARG B 290 -13.04 28.79 -19.45
CA ARG B 290 -13.14 27.54 -20.19
C ARG B 290 -11.79 27.07 -20.75
N THR B 291 -11.21 26.06 -20.12
CA THR B 291 -9.84 25.62 -20.42
C THR B 291 -9.57 24.22 -19.87
N ASP B 292 -8.80 23.41 -20.59
CA ASP B 292 -8.32 22.11 -20.18
C ASP B 292 -6.83 22.10 -19.83
N SER B 293 -6.24 23.27 -19.72
CA SER B 293 -4.84 23.46 -19.51
C SER B 293 -4.59 23.95 -18.11
N THR B 294 -3.51 23.44 -17.54
CA THR B 294 -3.01 23.99 -16.29
C THR B 294 -1.74 24.83 -16.46
N ARG B 295 -1.41 25.19 -17.70
CA ARG B 295 -0.17 25.90 -18.03
C ARG B 295 -0.23 27.35 -17.55
N VAL B 296 0.88 27.91 -17.04
CA VAL B 296 0.94 29.29 -16.63
C VAL B 296 1.94 30.06 -17.52
N SER B 297 1.54 31.25 -17.98
CA SER B 297 2.45 32.05 -18.83
C SER B 297 3.71 32.40 -18.06
N ASP B 298 4.80 32.58 -18.79
CA ASP B 298 6.10 32.98 -18.27
C ASP B 298 5.98 34.23 -17.44
N TYR B 299 5.18 35.17 -17.94
CA TYR B 299 5.03 36.42 -17.25
C TYR B 299 4.31 36.26 -15.88
N ALA B 300 3.24 35.47 -15.87
CA ALA B 300 2.51 35.23 -14.63
C ALA B 300 3.34 34.45 -13.62
N LYS B 301 4.14 33.51 -14.12
CA LYS B 301 5.07 32.76 -13.27
C LYS B 301 6.07 33.68 -12.53
N GLU B 302 6.64 34.63 -13.27
CA GLU B 302 7.61 35.56 -12.74
C GLU B 302 6.98 36.48 -11.70
N GLU B 303 5.78 36.99 -11.95
CA GLU B 303 5.08 37.82 -10.96
C GLU B 303 4.82 37.04 -9.68
N ALA B 304 4.44 35.78 -9.81
CA ALA B 304 4.25 34.87 -8.67
C ALA B 304 5.55 34.64 -7.90
N ARG B 305 6.66 34.35 -8.59
CA ARG B 305 7.96 34.26 -7.94
C ARG B 305 8.28 35.51 -7.12
N ASN B 306 7.95 36.67 -7.69
CA ASN B 306 8.21 37.95 -7.07
C ASN B 306 7.36 38.13 -5.83
N LEU B 307 6.07 37.82 -5.89
CA LEU B 307 5.25 37.89 -4.69
C LEU B 307 5.74 36.91 -3.61
N ILE B 308 6.00 35.67 -4.00
CA ILE B 308 6.38 34.64 -3.02
C ILE B 308 7.66 35.08 -2.31
N THR B 309 8.61 35.52 -3.11
CA THR B 309 9.90 35.97 -2.61
C THR B 309 9.73 37.05 -1.55
N GLU B 310 8.89 38.02 -1.83
CA GLU B 310 8.71 39.17 -0.97
C GLU B 310 7.90 38.81 0.29
N VAL B 311 6.91 37.93 0.15
CA VAL B 311 5.97 37.64 1.21
C VAL B 311 6.43 36.49 2.08
N PHE B 312 6.93 35.42 1.46
CA PHE B 312 7.29 34.24 2.21
C PHE B 312 8.79 33.98 2.26
N GLY B 313 9.48 34.30 1.18
CA GLY B 313 10.92 34.13 1.09
C GLY B 313 11.28 33.27 -0.09
N GLU B 314 12.50 33.46 -0.54
CA GLU B 314 13.04 32.78 -1.71
C GLU B 314 12.94 31.26 -1.64
N GLU B 315 13.09 30.73 -0.41
CA GLU B 315 13.02 29.28 -0.13
C GLU B 315 11.65 28.63 -0.43
N TYR B 316 10.62 29.46 -0.59
CA TYR B 316 9.26 29.02 -0.92
C TYR B 316 8.95 29.02 -2.41
N VAL B 317 9.87 29.52 -3.24
CA VAL B 317 9.64 29.65 -4.66
C VAL B 317 9.87 28.29 -5.26
N GLY B 318 8.87 27.84 -6.01
CA GLY B 318 8.85 26.51 -6.60
C GLY B 318 9.68 26.39 -7.86
N ALA B 333 -1.48 28.01 -26.21
CA ALA B 333 -2.39 29.15 -26.29
C ALA B 333 -3.34 29.14 -25.09
N HIS B 334 -3.71 27.96 -24.64
CA HIS B 334 -4.59 27.76 -23.49
C HIS B 334 -3.86 27.89 -22.19
N GLU B 335 -4.52 28.43 -21.18
CA GLU B 335 -3.94 28.74 -19.90
C GLU B 335 -4.85 28.27 -18.75
N ALA B 336 -4.21 28.07 -17.60
CA ALA B 336 -4.92 27.89 -16.35
C ALA B 336 -5.86 29.04 -16.05
N ILE B 337 -6.77 28.74 -15.13
CA ILE B 337 -7.63 29.74 -14.53
C ILE B 337 -6.86 30.26 -13.30
N ARG B 338 -6.51 31.53 -13.32
CA ARG B 338 -5.57 32.13 -12.34
C ARG B 338 -5.89 33.60 -12.26
N PRO B 339 -5.43 34.26 -11.16
CA PRO B 339 -5.65 35.67 -11.09
C PRO B 339 -4.90 36.38 -12.22
N THR B 340 -5.50 37.43 -12.75
CA THR B 340 -4.83 38.32 -13.70
C THR B 340 -3.69 39.15 -13.04
N ASN B 341 -3.91 39.52 -11.79
CA ASN B 341 -2.93 40.23 -11.00
C ASN B 341 -2.81 39.54 -9.65
N VAL B 342 -1.81 38.69 -9.49
CA VAL B 342 -1.52 38.08 -8.17
C VAL B 342 -1.32 39.04 -6.99
N PHE B 343 -0.87 40.26 -7.27
CA PHE B 343 -0.70 41.30 -6.25
C PHE B 343 -2.05 41.88 -5.77
N MET B 344 -3.14 41.59 -6.48
CA MET B 344 -4.48 41.96 -6.02
C MET B 344 -4.94 40.80 -5.12
N THR B 345 -4.65 40.97 -3.84
CA THR B 345 -4.95 39.91 -2.90
C THR B 345 -6.45 39.74 -2.70
N PRO B 346 -6.84 38.57 -2.18
CA PRO B 346 -8.26 38.41 -1.86
C PRO B 346 -8.83 39.49 -0.97
N GLU B 347 -8.05 39.91 0.03
CA GLU B 347 -8.41 41.03 0.89
C GLU B 347 -8.66 42.33 0.15
N GLU B 348 -7.71 42.77 -0.68
CA GLU B 348 -7.92 43.94 -1.53
C GLU B 348 -9.12 43.81 -2.47
N ALA B 349 -9.39 42.60 -2.98
CA ALA B 349 -10.46 42.36 -3.95
C ALA B 349 -11.86 42.56 -3.40
N GLY B 350 -11.99 42.32 -2.10
CA GLY B 350 -13.26 42.48 -1.39
C GLY B 350 -13.95 43.80 -1.59
N LYS B 351 -13.17 44.87 -1.77
CA LYS B 351 -13.83 46.16 -1.95
C LYS B 351 -14.48 46.28 -3.32
N TYR B 352 -14.18 45.38 -4.25
CA TYR B 352 -14.77 45.40 -5.59
C TYR B 352 -15.77 44.28 -5.87
N LEU B 353 -15.67 43.21 -5.09
CA LEU B 353 -16.35 41.94 -5.38
C LEU B 353 -17.49 41.65 -4.42
N ASN B 354 -18.60 41.11 -4.92
CA ASN B 354 -19.64 40.64 -3.98
C ASN B 354 -19.15 39.39 -3.21
N SER B 355 -19.91 38.92 -2.24
CA SER B 355 -19.44 37.82 -1.39
C SER B 355 -19.14 36.53 -2.11
N ASP B 356 -19.96 36.16 -3.07
CA ASP B 356 -19.67 34.97 -3.83
C ASP B 356 -18.47 35.15 -4.72
N GLN B 357 -18.43 36.28 -5.41
CA GLN B 357 -17.26 36.63 -6.27
C GLN B 357 -15.90 36.54 -5.51
N LYS B 358 -15.90 37.09 -4.29
CA LYS B 358 -14.73 37.13 -3.38
C LYS B 358 -14.36 35.72 -2.99
N LYS B 359 -15.32 34.91 -2.57
CA LYS B 359 -15.05 33.49 -2.32
C LYS B 359 -14.39 32.74 -3.46
N LEU B 360 -14.94 32.89 -4.67
CA LEU B 360 -14.36 32.20 -5.83
C LEU B 360 -12.95 32.74 -6.18
N TYR B 361 -12.78 34.05 -6.16
CA TYR B 361 -11.47 34.67 -6.43
C TYR B 361 -10.49 34.22 -5.39
N GLU B 362 -10.88 34.22 -4.11
CA GLU B 362 -9.98 33.70 -3.08
C GLU B 362 -9.47 32.28 -3.34
N LEU B 363 -10.40 31.41 -3.71
CA LEU B 363 -10.08 30.04 -4.02
C LEU B 363 -9.10 29.92 -5.19
N ILE B 364 -9.36 30.65 -6.27
CA ILE B 364 -8.51 30.65 -7.44
C ILE B 364 -7.08 31.20 -7.15
N TRP B 365 -7.00 32.29 -6.41
CA TRP B 365 -5.79 32.97 -5.99
C TRP B 365 -4.91 32.05 -5.14
N LYS B 366 -5.50 31.51 -4.07
CA LYS B 366 -4.84 30.52 -3.20
C LYS B 366 -4.28 29.34 -3.98
N ARG B 367 -5.10 28.75 -4.82
CA ARG B 367 -4.67 27.60 -5.59
C ARG B 367 -3.51 27.93 -6.54
N PHE B 368 -3.60 29.11 -7.15
CA PHE B 368 -2.56 29.49 -8.13
C PHE B 368 -1.23 29.78 -7.39
N LEU B 369 -1.28 30.58 -6.35
CA LEU B 369 -0.09 30.92 -5.59
C LEU B 369 0.58 29.65 -5.01
N ALA B 370 -0.23 28.80 -4.39
CA ALA B 370 0.24 27.50 -3.89
C ALA B 370 0.93 26.65 -4.97
N SER B 371 0.35 26.63 -6.18
CA SER B 371 0.86 25.89 -7.32
C SER B 371 2.27 26.28 -7.70
N GLN B 372 2.63 27.52 -7.35
CA GLN B 372 3.91 28.10 -7.71
C GLN B 372 4.94 27.99 -6.57
N MET B 373 4.59 27.34 -5.46
CA MET B 373 5.47 27.21 -4.29
C MET B 373 6.08 25.79 -4.18
N LYS B 374 7.08 25.69 -3.30
CA LYS B 374 7.83 24.46 -3.09
C LYS B 374 6.93 23.33 -2.55
N PRO B 375 7.23 22.07 -2.89
CA PRO B 375 6.58 20.96 -2.21
C PRO B 375 6.86 21.04 -0.70
N SER B 376 5.90 20.53 0.08
CA SER B 376 6.06 20.37 1.51
C SER B 376 6.94 19.14 1.74
N GLN B 377 7.62 19.16 2.88
CA GLN B 377 8.48 18.08 3.34
C GLN B 377 8.19 17.64 4.74
N TYR B 378 8.10 16.32 4.92
CA TYR B 378 7.79 15.69 6.18
C TYR B 378 8.70 14.46 6.39
N GLU B 379 8.92 14.04 7.63
CA GLU B 379 9.52 12.71 7.80
C GLU B 379 8.34 11.79 8.16
N GLU B 380 8.25 10.64 7.51
CA GLU B 380 7.15 9.73 7.76
C GLU B 380 7.73 8.51 8.51
N THR B 381 7.08 8.12 9.60
CA THR B 381 7.46 6.97 10.40
C THR B 381 6.30 5.97 10.25
N ARG B 382 6.63 4.84 9.62
CA ARG B 382 5.73 3.69 9.43
C ARG B 382 6.15 2.71 10.51
N PHE B 383 5.23 2.27 11.34
CA PHE B 383 5.59 1.39 12.43
C PHE B 383 4.65 0.21 12.49
N VAL B 384 5.18 -0.86 13.07
CA VAL B 384 4.44 -2.05 13.45
C VAL B 384 4.67 -2.39 14.93
N LEU B 385 3.56 -2.63 15.65
CA LEU B 385 3.58 -3.06 17.03
C LEU B 385 3.06 -4.49 17.13
N ARG B 386 3.56 -5.29 18.07
CA ARG B 386 3.04 -6.61 18.27
C ARG B 386 2.71 -6.81 19.73
N THR B 387 1.90 -7.82 19.98
CA THR B 387 1.72 -8.33 21.33
C THR B 387 2.94 -9.19 21.72
N LYS B 388 3.14 -9.33 23.03
CA LYS B 388 4.31 -10.07 23.53
C LYS B 388 4.18 -11.55 23.24
N ASP B 389 2.94 -12.02 23.10
CA ASP B 389 2.73 -13.41 22.74
C ASP B 389 2.81 -13.69 21.25
N GLY B 390 3.08 -12.70 20.39
CA GLY B 390 3.21 -12.97 18.97
C GLY B 390 1.87 -13.02 18.23
N LYS B 391 0.75 -13.01 18.95
CA LYS B 391 -0.57 -13.26 18.35
C LYS B 391 -1.11 -12.18 17.46
N TYR B 392 -0.87 -10.91 17.79
CA TYR B 392 -1.45 -9.78 17.07
C TYR B 392 -0.37 -8.76 16.73
N ARG B 393 -0.65 -8.04 15.64
CA ARG B 393 0.13 -6.95 15.06
C ARG B 393 -0.77 -5.79 14.71
N PHE B 394 -0.21 -4.60 14.83
CA PHE B 394 -0.93 -3.36 14.61
C PHE B 394 0.00 -2.44 13.83
N LYS B 395 -0.53 -1.73 12.84
CA LYS B 395 0.28 -0.90 11.95
C LYS B 395 -0.25 0.50 11.94
N GLY B 396 0.69 1.44 11.96
CA GLY B 396 0.31 2.82 11.81
C GLY B 396 1.42 3.64 11.17
N THR B 397 1.07 4.90 10.97
CA THR B 397 2.05 5.88 10.47
C THR B 397 1.92 7.19 11.22
N VAL B 398 3.04 7.91 11.33
CA VAL B 398 3.01 9.26 11.84
C VAL B 398 3.95 10.17 11.04
N LEU B 399 3.58 11.44 10.89
CA LEU B 399 4.36 12.40 10.11
C LEU B 399 4.99 13.47 10.98
N LYS B 400 6.23 13.88 10.70
CA LYS B 400 6.83 15.08 11.27
C LYS B 400 7.10 16.16 10.20
N LYS B 401 6.56 17.36 10.39
CA LYS B 401 6.77 18.44 9.41
C LYS B 401 8.20 18.97 9.47
N ILE B 402 8.85 18.99 8.30
CA ILE B 402 10.19 19.55 8.14
C ILE B 402 10.04 20.97 7.57
N PHE B 403 9.28 21.08 6.48
CA PHE B 403 9.05 22.35 5.74
C PHE B 403 7.63 22.42 5.18
N ASP B 404 6.92 23.49 5.49
CA ASP B 404 5.56 23.59 4.99
C ASP B 404 5.40 23.82 3.50
N GLY B 405 6.37 24.49 2.87
CA GLY B 405 6.21 24.89 1.47
C GLY B 405 4.84 25.47 1.14
N TYR B 406 4.24 24.97 0.07
CA TYR B 406 2.94 25.45 -0.46
C TYR B 406 1.80 25.44 0.57
N GLU B 407 1.98 24.61 1.60
CA GLU B 407 0.95 24.49 2.62
C GLU B 407 0.79 25.78 3.45
N LYS B 408 1.73 26.70 3.41
CA LYS B 408 1.52 28.02 3.98
C LYS B 408 0.34 28.75 3.31
N VAL B 409 0.01 28.39 2.07
CA VAL B 409 -1.10 29.04 1.36
C VAL B 409 -2.32 28.13 1.21
N TRP B 410 -2.10 26.87 0.82
CA TRP B 410 -3.13 25.87 0.54
C TRP B 410 -3.16 25.02 1.80
N LYS B 411 -4.01 25.47 2.70
CA LYS B 411 -3.95 24.96 4.05
C LYS B 411 -4.31 23.48 4.08
N THR B 412 -3.46 22.78 4.82
CA THR B 412 -3.41 21.32 4.82
C THR B 412 -3.18 20.82 6.25
N GLU B 413 -4.06 19.96 6.76
CA GLU B 413 -3.77 19.35 8.07
C GLU B 413 -3.46 17.87 7.82
N ARG B 414 -2.38 17.39 8.40
CA ARG B 414 -1.96 16.02 8.20
C ARG B 414 -1.84 15.40 9.59
N ASN B 415 -1.77 14.07 9.64
CA ASN B 415 -1.50 13.31 10.87
C ASN B 415 -0.08 13.44 11.39
N THR B 416 0.15 14.51 12.16
CA THR B 416 1.48 14.75 12.69
C THR B 416 1.59 14.33 14.15
N GLY B 417 2.82 14.02 14.52
CA GLY B 417 3.17 13.57 15.86
C GLY B 417 4.60 13.12 15.94
N GLU B 418 4.87 12.32 16.97
CA GLU B 418 6.20 11.89 17.38
C GLU B 418 6.18 10.38 17.64
N PHE B 419 7.23 9.69 17.23
CA PHE B 419 7.41 8.29 17.55
C PHE B 419 8.80 8.18 18.19
N PRO B 420 8.89 8.38 19.50
CA PRO B 420 10.21 8.36 20.15
C PRO B 420 10.76 6.94 20.36
N PHE B 421 9.86 5.96 20.31
CA PHE B 421 10.23 4.58 20.58
C PHE B 421 11.13 3.98 19.50
N GLU B 422 11.84 2.94 19.91
CA GLU B 422 12.79 2.23 19.08
C GLU B 422 12.32 0.77 18.93
N GLU B 423 12.68 0.11 17.84
CA GLU B 423 12.46 -1.32 17.69
C GLU B 423 12.88 -2.11 18.93
N GLY B 424 11.98 -3.01 19.34
CA GLY B 424 12.20 -3.84 20.51
C GLY B 424 11.78 -3.25 21.83
N GLU B 425 11.48 -1.97 21.88
CA GLU B 425 10.94 -1.32 23.07
C GLU B 425 9.48 -1.67 23.37
N SER B 426 9.14 -1.84 24.64
CA SER B 426 7.75 -2.01 25.02
C SER B 426 7.12 -0.68 25.34
N VAL B 427 5.84 -0.63 25.03
CA VAL B 427 5.00 0.54 25.12
C VAL B 427 3.82 0.16 25.99
N LYS B 428 3.66 0.92 27.07
CA LYS B 428 2.62 0.71 28.07
C LYS B 428 2.42 2.07 28.75
N PRO B 429 1.15 2.48 28.96
CA PRO B 429 -0.08 1.75 28.68
C PRO B 429 -0.52 1.88 27.22
N VAL B 430 -1.36 0.92 26.85
CA VAL B 430 -2.05 0.90 25.56
C VAL B 430 -3.56 0.71 25.81
N VAL B 431 -4.38 1.46 25.08
CA VAL B 431 -5.83 1.31 25.10
C VAL B 431 -6.36 0.84 23.75
N VAL B 432 -7.10 -0.25 23.79
CA VAL B 432 -7.66 -0.88 22.59
C VAL B 432 -9.09 -0.38 22.40
N LYS B 433 -9.43 0.02 21.17
CA LYS B 433 -10.81 0.34 20.83
C LYS B 433 -11.33 -0.63 19.77
N ILE B 434 -12.44 -1.29 20.06
CA ILE B 434 -13.14 -2.17 19.13
C ILE B 434 -14.50 -1.53 18.76
N GLU B 435 -14.77 -1.35 17.47
CA GLU B 435 -16.03 -0.86 16.94
C GLU B 435 -16.53 -1.81 15.87
N GLU B 436 -17.76 -2.25 16.07
CA GLU B 436 -18.54 -2.86 15.00
C GLU B 436 -18.87 -1.86 13.89
N GLN B 437 -18.57 -2.27 12.67
CA GLN B 437 -18.86 -1.50 11.46
C GLN B 437 -19.46 -2.39 10.37
N GLU B 438 -19.87 -1.74 9.29
CA GLU B 438 -20.37 -2.37 8.06
C GLU B 438 -19.74 -1.72 6.86
N THR B 439 -19.34 -2.51 5.87
CA THR B 439 -18.84 -1.96 4.61
C THR B 439 -19.99 -1.15 3.97
N LYS B 440 -19.59 -0.19 3.14
CA LYS B 440 -20.49 0.79 2.54
C LYS B 440 -20.35 0.81 1.04
N PRO B 441 -21.47 1.13 0.36
CA PRO B 441 -21.42 1.17 -1.11
C PRO B 441 -20.68 2.47 -1.54
N LYS B 442 -20.39 2.65 -2.82
CA LYS B 442 -19.84 3.89 -3.26
C LYS B 442 -20.80 5.01 -2.96
N PRO B 443 -20.23 6.21 -2.81
CA PRO B 443 -21.08 7.36 -2.65
C PRO B 443 -21.83 7.64 -3.97
N ARG B 444 -23.00 8.25 -3.85
CA ARG B 444 -23.63 8.90 -4.97
C ARG B 444 -22.75 10.08 -5.43
N TYR B 445 -22.95 10.46 -6.69
CA TYR B 445 -22.32 11.67 -7.23
C TYR B 445 -22.91 12.93 -6.62
N THR B 446 -22.05 13.94 -6.43
CA THR B 446 -22.55 15.30 -6.21
C THR B 446 -22.28 15.99 -7.56
N GLU B 447 -22.67 17.25 -7.74
CA GLU B 447 -22.33 17.95 -9.00
C GLU B 447 -20.85 17.94 -9.28
N GLY B 448 -20.05 18.25 -8.27
CA GLY B 448 -18.60 18.16 -8.42
C GLY B 448 -17.97 16.85 -8.78
N SER B 449 -18.43 15.79 -8.14
CA SER B 449 -17.82 14.51 -8.38
C SER B 449 -18.33 13.92 -9.68
N LEU B 450 -19.50 14.32 -10.13
CA LEU B 450 -19.95 13.93 -11.45
C LEU B 450 -19.10 14.57 -12.53
N VAL B 451 -18.77 15.85 -12.38
CA VAL B 451 -17.81 16.54 -13.29
C VAL B 451 -16.45 15.83 -13.31
N LYS B 452 -16.00 15.39 -12.13
CA LYS B 452 -14.79 14.55 -12.07
C LYS B 452 -14.83 13.30 -12.93
N GLU B 453 -15.92 12.56 -12.80
CA GLU B 453 -16.19 11.38 -13.61
C GLU B 453 -16.31 11.67 -15.12
N MET B 454 -17.03 12.73 -15.47
CA MET B 454 -17.18 13.17 -16.86
C MET B 454 -15.78 13.40 -17.47
N GLU B 455 -14.95 14.09 -16.71
CA GLU B 455 -13.60 14.33 -17.16
C GLU B 455 -12.72 13.08 -17.21
N ARG B 456 -12.77 12.25 -16.19
CA ARG B 456 -12.06 10.96 -16.17
C ARG B 456 -12.36 10.17 -17.44
N LEU B 457 -13.63 10.10 -17.81
CA LEU B 457 -14.00 9.19 -18.92
C LEU B 457 -14.01 9.80 -20.33
N GLY B 458 -13.85 11.11 -20.40
CA GLY B 458 -13.74 11.79 -21.68
C GLY B 458 -15.04 12.32 -22.21
N ILE B 459 -16.06 12.44 -21.37
CA ILE B 459 -17.35 12.89 -21.88
C ILE B 459 -17.61 14.34 -21.49
N GLY B 460 -18.10 15.13 -22.41
CA GLY B 460 -18.00 16.56 -22.07
C GLY B 460 -16.66 17.31 -22.00
N ARG B 461 -16.75 18.63 -22.05
CA ARG B 461 -15.53 19.40 -22.23
C ARG B 461 -15.72 20.66 -21.38
N PRO B 462 -14.67 21.51 -21.27
CA PRO B 462 -14.91 22.72 -20.47
C PRO B 462 -16.19 23.50 -20.73
N SER B 463 -16.66 23.53 -21.98
CA SER B 463 -17.91 24.23 -22.30
C SER B 463 -19.17 23.52 -21.89
N THR B 464 -19.12 22.22 -21.64
CA THR B 464 -20.32 21.43 -21.49
C THR B 464 -20.53 20.71 -20.15
N TYR B 465 -19.53 20.68 -19.27
CA TYR B 465 -19.66 20.06 -17.93
C TYR B 465 -20.86 20.62 -17.21
N ALA B 466 -20.85 21.93 -16.93
CA ALA B 466 -21.92 22.54 -16.16
C ALA B 466 -23.28 22.55 -16.84
N SER B 467 -23.36 22.92 -18.12
CA SER B 467 -24.63 22.93 -18.77
C SER B 467 -25.28 21.54 -18.90
N THR B 468 -24.47 20.49 -19.03
CA THR B 468 -25.02 19.13 -19.10
C THR B 468 -25.73 18.81 -17.78
N ILE B 469 -25.07 19.10 -16.67
CA ILE B 469 -25.64 18.80 -15.35
C ILE B 469 -26.88 19.64 -15.09
N LYS B 470 -26.81 20.93 -15.38
CA LYS B 470 -27.97 21.82 -15.24
C LYS B 470 -29.16 21.32 -16.06
N LEU B 471 -28.93 20.91 -17.31
CA LEU B 471 -30.05 20.38 -18.11
C LEU B 471 -30.67 19.10 -17.53
N LEU B 472 -29.85 18.17 -17.04
CA LEU B 472 -30.36 16.93 -16.49
C LEU B 472 -31.22 17.22 -15.27
N LEU B 473 -30.77 18.19 -14.46
CA LEU B 473 -31.58 18.66 -13.34
C LEU B 473 -32.88 19.36 -13.76
N ASN B 474 -32.78 20.27 -14.71
CA ASN B 474 -33.94 20.99 -15.21
C ASN B 474 -35.00 20.11 -15.88
N ARG B 475 -34.59 19.07 -16.59
CA ARG B 475 -35.53 18.13 -17.19
C ARG B 475 -36.05 17.11 -16.22
N GLY B 476 -35.46 17.01 -15.04
CA GLY B 476 -35.97 16.08 -14.04
C GLY B 476 -35.52 14.66 -14.31
N TYR B 477 -34.39 14.52 -15.00
CA TYR B 477 -33.79 13.23 -15.29
C TYR B 477 -32.99 12.76 -14.10
N ILE B 478 -32.42 13.72 -13.39
CA ILE B 478 -31.76 13.53 -12.09
C ILE B 478 -32.42 14.52 -11.14
N LYS B 479 -32.29 14.17 -9.87
CA LYS B 479 -32.81 14.96 -8.75
C LYS B 479 -31.74 14.99 -7.68
N LYS B 480 -31.54 16.21 -7.19
CA LYS B 480 -30.60 16.49 -6.11
C LYS B 480 -31.32 16.48 -4.77
N ILE B 481 -30.80 15.69 -3.83
CA ILE B 481 -31.31 15.61 -2.47
C ILE B 481 -30.09 15.62 -1.55
N ARG B 482 -29.95 16.71 -0.80
CA ARG B 482 -28.92 16.88 0.25
C ARG B 482 -27.60 16.73 -0.42
N GLY B 483 -27.49 17.39 -1.56
CA GLY B 483 -26.30 17.45 -2.38
C GLY B 483 -25.96 16.28 -3.30
N TYR B 484 -26.64 15.15 -3.12
CA TYR B 484 -26.45 13.96 -3.90
C TYR B 484 -27.50 13.89 -5.00
N LEU B 485 -27.04 13.31 -6.09
CA LEU B 485 -27.74 13.18 -7.37
C LEU B 485 -28.27 11.74 -7.48
N TYR B 486 -29.56 11.65 -7.78
CA TYR B 486 -30.29 10.41 -7.96
C TYR B 486 -30.94 10.37 -9.35
N PRO B 487 -30.99 9.19 -9.97
CA PRO B 487 -31.83 9.07 -11.16
C PRO B 487 -33.30 9.08 -10.73
N THR B 488 -34.17 9.45 -11.67
CA THR B 488 -35.61 9.54 -11.47
C THR B 488 -36.35 8.51 -12.30
N ILE B 489 -37.67 8.43 -12.12
CA ILE B 489 -38.49 7.61 -12.97
C ILE B 489 -38.31 8.01 -14.45
N VAL B 490 -38.51 9.27 -14.81
CA VAL B 490 -38.34 9.67 -16.20
C VAL B 490 -36.91 9.50 -16.76
N GLY B 491 -35.90 9.87 -16.00
CA GLY B 491 -34.49 9.67 -16.32
C GLY B 491 -34.18 8.21 -16.62
N SER B 492 -34.55 7.33 -15.68
CA SER B 492 -34.38 5.89 -15.82
C SER B 492 -35.11 5.28 -17.02
N VAL B 493 -36.39 5.60 -17.21
CA VAL B 493 -37.16 5.09 -18.32
C VAL B 493 -36.60 5.51 -19.69
N VAL B 494 -36.26 6.78 -19.82
CA VAL B 494 -35.65 7.34 -21.04
C VAL B 494 -34.31 6.66 -21.35
N MET B 495 -33.43 6.55 -20.36
CA MET B 495 -32.15 5.88 -20.54
C MET B 495 -32.37 4.43 -20.94
N ASP B 496 -33.36 3.78 -20.31
CA ASP B 496 -33.63 2.38 -20.56
C ASP B 496 -34.03 2.20 -22.01
N TYR B 497 -34.83 3.12 -22.51
CA TYR B 497 -35.22 3.08 -23.91
C TYR B 497 -33.99 3.23 -24.85
N LEU B 498 -33.17 4.21 -24.55
CA LEU B 498 -32.00 4.50 -25.39
C LEU B 498 -31.03 3.33 -25.41
N GLU B 499 -30.78 2.69 -24.28
CA GLU B 499 -29.93 1.50 -24.21
C GLU B 499 -30.43 0.33 -25.05
N LYS B 500 -31.74 0.11 -25.01
CA LYS B 500 -32.35 -1.04 -25.68
C LYS B 500 -32.31 -0.87 -27.19
N LYS B 501 -32.60 0.33 -27.67
CA LYS B 501 -32.77 0.55 -29.09
C LYS B 501 -31.51 1.11 -29.76
N TYR B 502 -30.72 1.90 -29.02
CA TYR B 502 -29.54 2.60 -29.54
C TYR B 502 -28.31 2.17 -28.78
N SER B 503 -28.24 0.87 -28.50
CA SER B 503 -27.24 0.30 -27.59
C SER B 503 -25.86 0.98 -27.71
N ASP B 504 -25.17 0.79 -28.84
CA ASP B 504 -23.80 1.30 -29.00
C ASP B 504 -23.72 2.79 -29.16
N VAL B 505 -24.64 3.34 -29.95
CA VAL B 505 -24.61 4.76 -30.28
C VAL B 505 -24.70 5.65 -29.06
N VAL B 506 -25.40 5.24 -28.02
CA VAL B 506 -25.48 6.10 -26.83
C VAL B 506 -24.53 5.72 -25.70
N SER B 507 -23.58 4.84 -25.95
CA SER B 507 -22.67 4.40 -24.91
C SER B 507 -21.71 5.54 -24.52
N VAL B 508 -21.27 5.47 -23.26
CA VAL B 508 -20.22 6.31 -22.73
C VAL B 508 -19.02 6.20 -23.68
N SER B 509 -18.67 4.98 -24.06
CA SER B 509 -17.51 4.71 -24.92
C SER B 509 -17.58 5.44 -26.28
N PHE B 510 -18.67 5.26 -27.01
CA PHE B 510 -18.89 6.00 -28.28
C PHE B 510 -18.96 7.52 -28.10
N THR B 511 -19.60 8.05 -27.06
CA THR B 511 -19.64 9.48 -26.77
C THR B 511 -18.26 10.09 -26.54
N ALA B 512 -17.47 9.43 -25.70
CA ALA B 512 -16.07 9.81 -25.43
C ALA B 512 -15.23 9.82 -26.71
N GLU B 513 -15.38 8.78 -27.53
CA GLU B 513 -14.72 8.66 -28.81
C GLU B 513 -15.06 9.80 -29.76
N MET B 514 -16.35 10.12 -29.84
CA MET B 514 -16.73 11.28 -30.65
C MET B 514 -16.12 12.58 -30.10
N GLU B 515 -16.14 12.81 -28.81
CA GLU B 515 -15.48 13.99 -28.23
C GLU B 515 -13.98 14.05 -28.59
N LYS B 516 -13.29 12.92 -28.56
CA LYS B 516 -11.86 12.87 -28.96
C LYS B 516 -11.68 13.21 -30.44
N ASP B 517 -12.52 12.64 -31.28
CA ASP B 517 -12.55 12.91 -32.70
C ASP B 517 -12.73 14.39 -32.99
N LEU B 518 -13.63 15.04 -32.27
CA LEU B 518 -13.87 16.49 -32.40
C LEU B 518 -12.67 17.34 -31.98
N ASP B 519 -12.02 16.95 -30.88
CA ASP B 519 -10.67 17.46 -30.55
C ASP B 519 -9.67 17.33 -31.69
N GLU B 520 -9.67 16.16 -32.32
CA GLU B 520 -8.80 15.99 -33.46
C GLU B 520 -9.20 16.87 -34.64
N VAL B 521 -10.49 17.01 -34.92
CA VAL B 521 -10.94 17.90 -35.99
C VAL B 521 -10.39 19.31 -35.70
N GLU B 522 -10.52 19.77 -34.46
CA GLU B 522 -10.04 21.09 -34.04
C GLU B 522 -8.54 21.30 -34.30
N GLN B 523 -7.77 20.25 -34.01
CA GLN B 523 -6.34 20.24 -34.19
C GLN B 523 -5.93 20.07 -35.62
N GLY B 524 -6.86 19.83 -36.54
CA GLY B 524 -6.58 19.53 -37.92
C GLY B 524 -5.96 18.17 -38.16
N LYS B 525 -6.27 17.20 -37.30
CA LYS B 525 -5.78 15.82 -37.39
C LYS B 525 -6.82 14.81 -37.90
N LYS B 526 -8.05 15.27 -38.11
CA LYS B 526 -9.15 14.50 -38.73
C LYS B 526 -10.07 15.49 -39.41
N THR B 527 -10.84 15.06 -40.39
CA THR B 527 -11.73 16.00 -41.07
C THR B 527 -13.15 15.87 -40.52
N ASP B 528 -13.85 17.00 -40.42
CA ASP B 528 -15.22 17.05 -39.95
C ASP B 528 -16.11 16.07 -40.72
N LYS B 529 -15.95 16.05 -42.05
CA LYS B 529 -16.77 15.21 -42.93
C LYS B 529 -16.65 13.73 -42.66
N ILE B 530 -15.43 13.23 -42.51
CA ILE B 530 -15.18 11.84 -42.17
C ILE B 530 -15.84 11.45 -40.85
N VAL B 531 -15.70 12.31 -39.85
CA VAL B 531 -16.25 12.07 -38.52
C VAL B 531 -17.79 12.01 -38.59
N LEU B 532 -18.39 12.96 -39.31
CA LEU B 532 -19.83 13.03 -39.48
C LEU B 532 -20.42 11.87 -40.27
N ARG B 533 -19.78 11.50 -41.38
CA ARG B 533 -20.24 10.40 -42.22
C ARG B 533 -20.29 9.10 -41.43
N GLU B 534 -19.28 8.86 -40.61
CA GLU B 534 -19.11 7.65 -39.82
C GLU B 534 -20.20 7.56 -38.75
N PHE B 535 -20.36 8.65 -38.00
CA PHE B 535 -21.47 8.80 -37.07
C PHE B 535 -22.83 8.55 -37.73
N TYR B 536 -23.13 9.25 -38.82
CA TYR B 536 -24.41 9.07 -39.47
C TYR B 536 -24.72 7.65 -39.97
N GLU B 537 -23.73 6.95 -40.50
CA GLU B 537 -23.86 5.54 -40.84
C GLU B 537 -24.36 4.71 -39.66
N SER B 538 -23.64 4.81 -38.55
CA SER B 538 -23.95 4.14 -37.29
C SER B 538 -25.32 4.53 -36.74
N PHE B 539 -25.57 5.83 -36.64
CA PHE B 539 -26.86 6.31 -36.19
C PHE B 539 -27.98 5.83 -37.12
N SER B 540 -27.86 6.06 -38.41
CA SER B 540 -28.99 5.76 -39.27
C SER B 540 -29.22 4.27 -39.52
N SER B 541 -28.25 3.41 -39.24
CA SER B 541 -28.46 1.97 -39.38
C SER B 541 -29.44 1.41 -38.34
N VAL B 542 -29.66 2.13 -37.24
CA VAL B 542 -30.54 1.72 -36.15
C VAL B 542 -31.73 2.64 -35.89
N PHE B 543 -31.70 3.90 -36.30
CA PHE B 543 -32.79 4.85 -36.02
C PHE B 543 -34.15 4.42 -36.59
N ASP B 544 -35.16 4.39 -35.72
CA ASP B 544 -36.50 3.89 -36.04
C ASP B 544 -37.48 5.00 -35.62
N ARG B 545 -37.86 5.85 -36.58
CA ARG B 545 -38.65 7.04 -36.26
C ARG B 545 -40.10 6.78 -35.85
N ASN B 546 -40.62 5.60 -36.19
CA ASN B 546 -42.03 5.27 -35.90
C ASN B 546 -42.19 4.38 -34.68
N ASP B 547 -41.15 4.26 -33.85
CA ASP B 547 -41.18 3.35 -32.72
C ASP B 547 -42.21 3.82 -31.70
N ARG B 548 -43.12 2.91 -31.34
CA ARG B 548 -44.12 3.07 -30.26
C ARG B 548 -43.93 1.91 -29.27
N ILE B 549 -43.78 2.25 -27.99
CA ILE B 549 -43.24 1.36 -26.92
C ILE B 549 -43.88 1.53 -25.53
N VAL B 550 -44.98 0.81 -25.34
CA VAL B 550 -45.81 0.82 -24.12
C VAL B 550 -45.04 0.55 -22.79
N VAL B 551 -44.70 1.61 -22.04
CA VAL B 551 -44.10 1.54 -20.71
C VAL B 551 -44.83 0.53 -19.82
N ASP B 552 -44.10 -0.46 -19.32
CA ASP B 552 -44.72 -1.54 -18.51
C ASP B 552 -43.59 -2.27 -17.80
N PHE B 553 -43.27 -1.80 -16.59
CA PHE B 553 -42.22 -2.41 -15.80
C PHE B 553 -42.76 -3.03 -14.53
N PRO B 554 -42.27 -4.23 -14.19
CA PRO B 554 -42.53 -4.67 -12.83
C PRO B 554 -41.77 -3.75 -11.89
N THR B 555 -42.21 -3.68 -10.65
CA THR B 555 -41.60 -2.79 -9.68
C THR B 555 -41.31 -3.54 -8.39
N ASN B 556 -40.67 -2.84 -7.47
CA ASN B 556 -40.45 -3.30 -6.10
C ASN B 556 -41.59 -2.88 -5.16
N GLN B 557 -42.67 -2.30 -5.69
CA GLN B 557 -43.81 -1.88 -4.88
C GLN B 557 -44.88 -2.97 -4.94
N LYS B 558 -45.58 -3.17 -3.83
CA LYS B 558 -46.55 -4.23 -3.66
C LYS B 558 -47.91 -3.68 -3.20
N CYS B 559 -48.97 -4.33 -3.65
CA CYS B 559 -50.31 -4.02 -3.19
C CYS B 559 -50.61 -4.99 -2.06
N SER B 560 -51.37 -4.52 -1.08
CA SER B 560 -51.84 -5.37 0.02
C SER B 560 -52.69 -6.55 -0.48
N CYS B 561 -53.29 -6.41 -1.66
CA CYS B 561 -54.19 -7.42 -2.21
C CYS B 561 -53.47 -8.64 -2.77
N GLY B 562 -52.18 -8.49 -3.00
CA GLY B 562 -51.26 -9.63 -3.13
C GLY B 562 -50.50 -9.72 -4.43
N LYS B 563 -50.46 -8.62 -5.18
CA LYS B 563 -49.87 -8.59 -6.51
C LYS B 563 -48.85 -7.49 -6.41
N GLU B 564 -47.70 -7.67 -7.05
CA GLU B 564 -46.78 -6.58 -7.21
C GLU B 564 -47.30 -5.52 -8.19
N MET B 565 -46.96 -4.27 -7.94
CA MET B 565 -47.38 -3.18 -8.81
C MET B 565 -46.46 -3.09 -10.03
N ARG B 566 -47.01 -2.59 -11.14
CA ARG B 566 -46.30 -2.30 -12.40
C ARG B 566 -46.40 -0.83 -12.74
N LEU B 567 -45.35 -0.33 -13.36
CA LEU B 567 -45.28 1.06 -13.79
C LEU B 567 -45.85 1.12 -15.20
N SER B 568 -46.80 2.03 -15.42
CA SER B 568 -47.29 2.37 -16.75
C SER B 568 -47.19 3.88 -16.97
N PHE B 569 -47.62 4.30 -18.15
CA PHE B 569 -47.58 5.70 -18.54
C PHE B 569 -48.82 6.00 -19.40
N GLY B 570 -49.54 7.04 -19.01
CA GLY B 570 -50.77 7.44 -19.68
C GLY B 570 -50.93 8.94 -19.86
N LYS B 571 -52.17 9.38 -20.09
CA LYS B 571 -52.45 10.77 -20.43
C LYS B 571 -52.05 11.71 -19.28
N TYR B 572 -52.12 11.21 -18.05
CA TYR B 572 -51.71 12.00 -16.90
C TYR B 572 -50.31 11.59 -16.41
N GLY B 573 -49.47 11.00 -17.24
CA GLY B 573 -48.13 10.63 -16.77
C GLY B 573 -47.97 9.23 -16.19
N PHE B 574 -46.85 9.02 -15.50
CA PHE B 574 -46.53 7.72 -14.92
C PHE B 574 -47.48 7.39 -13.79
N TYR B 575 -47.82 6.11 -13.67
CA TYR B 575 -48.57 5.61 -12.54
C TYR B 575 -48.22 4.15 -12.24
N LEU B 576 -48.60 3.73 -11.05
CA LEU B 576 -48.40 2.38 -10.58
C LEU B 576 -49.74 1.68 -10.49
N LYS B 577 -49.82 0.47 -11.00
CA LYS B 577 -51.10 -0.23 -10.95
C LYS B 577 -50.96 -1.66 -10.48
N CYS B 578 -51.95 -2.15 -9.75
CA CYS B 578 -52.07 -3.58 -9.57
C CYS B 578 -53.42 -4.11 -9.95
N GLU B 579 -53.42 -5.37 -10.37
CA GLU B 579 -54.61 -5.98 -10.89
C GLU B 579 -55.76 -5.83 -9.89
N CYS B 580 -55.48 -5.93 -8.60
CA CYS B 580 -56.56 -6.03 -7.61
C CYS B 580 -56.72 -4.80 -6.72
N GLY B 581 -55.95 -3.76 -6.98
CA GLY B 581 -55.89 -2.61 -6.08
C GLY B 581 -56.06 -1.29 -6.78
N LYS B 582 -55.71 -0.23 -6.04
CA LYS B 582 -55.83 1.14 -6.53
C LYS B 582 -54.55 1.55 -7.25
N THR B 583 -54.72 2.33 -8.32
CA THR B 583 -53.59 2.88 -9.05
C THR B 583 -53.10 4.10 -8.29
N ARG B 584 -51.81 4.36 -8.40
CA ARG B 584 -51.21 5.45 -7.67
C ARG B 584 -50.35 6.17 -8.69
N SER B 585 -50.57 7.46 -8.86
CA SER B 585 -49.74 8.25 -9.75
C SER B 585 -48.37 8.44 -9.14
N VAL B 586 -47.38 8.65 -10.01
CA VAL B 586 -46.04 8.92 -9.58
C VAL B 586 -45.54 10.12 -10.39
N LYS B 587 -44.82 11.00 -9.74
CA LYS B 587 -44.21 12.13 -10.43
C LYS B 587 -43.02 11.67 -11.28
N ASN B 588 -42.76 12.36 -12.39
CA ASN B 588 -41.61 12.09 -13.26
C ASN B 588 -40.26 12.06 -12.51
N ASP B 589 -40.17 12.87 -11.46
CA ASP B 589 -38.93 13.00 -10.72
C ASP B 589 -38.88 12.34 -9.34
N GLU B 590 -39.78 11.40 -9.11
CA GLU B 590 -39.61 10.48 -8.00
C GLU B 590 -38.30 9.72 -8.33
N ILE B 591 -37.52 9.38 -7.31
CA ILE B 591 -36.26 8.64 -7.48
C ILE B 591 -36.56 7.19 -7.87
N ALA B 592 -35.75 6.69 -8.78
CA ALA B 592 -35.96 5.35 -9.34
C ALA B 592 -34.75 4.89 -10.12
N VAL B 593 -34.48 3.59 -10.06
CA VAL B 593 -33.44 2.97 -10.82
C VAL B 593 -34.00 1.67 -11.42
N ILE B 594 -33.64 1.41 -12.67
CA ILE B 594 -33.99 0.15 -13.32
C ILE B 594 -32.83 -0.83 -13.28
N ASP B 595 -33.10 -2.04 -12.82
CA ASP B 595 -32.12 -3.12 -12.78
C ASP B 595 -32.80 -4.43 -13.15
N ASP B 596 -32.23 -5.15 -14.11
CA ASP B 596 -32.79 -6.39 -14.66
C ASP B 596 -34.26 -6.28 -15.03
N GLY B 597 -34.62 -5.23 -15.79
CA GLY B 597 -36.00 -5.02 -16.20
C GLY B 597 -37.02 -4.59 -15.14
N LYS B 598 -36.58 -4.39 -13.90
CA LYS B 598 -37.45 -4.05 -12.80
C LYS B 598 -37.13 -2.63 -12.34
N ILE B 599 -38.15 -1.87 -11.99
CA ILE B 599 -37.93 -0.50 -11.58
C ILE B 599 -38.08 -0.46 -10.03
N PHE B 600 -37.08 0.14 -9.38
CA PHE B 600 -36.94 0.16 -7.92
C PHE B 600 -37.17 1.60 -7.47
N LEU B 601 -38.28 1.84 -6.76
CA LEU B 601 -38.72 3.16 -6.31
C LEU B 601 -38.41 3.48 -4.84
#